data_3EZZ
#
_entry.id   3EZZ
#
_cell.length_a   141.557
_cell.length_b   141.557
_cell.length_c   158.532
_cell.angle_alpha   90.000
_cell.angle_beta   90.000
_cell.angle_gamma   90.000
#
_symmetry.space_group_name_H-M   'I 4'
#
loop_
_entity.id
_entity.type
_entity.pdbx_description
1 polymer 'Dual specificity protein phosphatase 4'
2 non-polymer 'SULFATE ION'
#
_entity_poly.entity_id   1
_entity_poly.type   'polypeptide(L)'
_entity_poly.pdbx_seq_one_letter_code
;MGGPVEILPFLYLGSAYHAARRDMLDALGITALLNVSSDCPNHFEGHYQYKCIPVEDNHKADISSWFMEAIEYIDAVKDC
RGRVLVHSQAGISRSATICLAYLMMKKRVRLEEAFEFVKQRRSIISPNFSFMGQLLQFESQVLA
;
_entity_poly.pdbx_strand_id   A,B,C,D,E,F
#
loop_
_chem_comp.id
_chem_comp.type
_chem_comp.name
_chem_comp.formula
SO4 non-polymer 'SULFATE ION' 'O4 S -2'
#
# COMPACT_ATOMS: atom_id res chain seq x y z
N MET A 1 -26.80 -8.18 28.17
CA MET A 1 -26.53 -7.19 29.26
C MET A 1 -25.09 -7.25 29.78
N GLY A 2 -24.97 -7.14 31.11
CA GLY A 2 -23.68 -7.16 31.76
C GLY A 2 -23.17 -5.76 32.06
N GLY A 3 -23.56 -4.82 31.21
CA GLY A 3 -23.15 -3.44 31.36
C GLY A 3 -22.32 -3.02 30.16
N PRO A 4 -22.34 -1.73 29.81
CA PRO A 4 -21.56 -1.21 28.69
C PRO A 4 -20.08 -1.14 29.00
N VAL A 5 -19.24 -1.42 28.01
CA VAL A 5 -17.81 -1.41 28.18
C VAL A 5 -17.25 -0.03 27.85
N GLU A 6 -16.32 0.43 28.68
CA GLU A 6 -15.69 1.72 28.45
C GLU A 6 -14.56 1.61 27.47
N ILE A 7 -14.80 1.99 26.21
CA ILE A 7 -13.76 1.94 25.19
C ILE A 7 -12.80 3.09 25.51
N LEU A 8 -13.36 4.29 25.56
CA LEU A 8 -12.61 5.49 25.89
C LEU A 8 -13.33 6.14 27.04
N PRO A 9 -12.61 6.93 27.84
CA PRO A 9 -13.20 7.62 28.99
C PRO A 9 -14.53 8.27 28.66
N PHE A 10 -14.67 8.70 27.42
CA PHE A 10 -15.89 9.36 26.95
C PHE A 10 -16.61 8.50 25.92
N LEU A 11 -16.09 7.30 25.69
CA LEU A 11 -16.68 6.42 24.69
C LEU A 11 -16.97 5.03 25.24
N TYR A 12 -18.26 4.67 25.25
CA TYR A 12 -18.69 3.36 25.73
C TYR A 12 -19.42 2.58 24.65
N LEU A 13 -19.33 1.26 24.74
CA LEU A 13 -19.98 0.40 23.77
C LEU A 13 -20.95 -0.52 24.48
N GLY A 14 -22.16 -0.66 23.93
CA GLY A 14 -23.14 -1.50 24.59
C GLY A 14 -24.28 -2.05 23.76
N SER A 15 -25.25 -2.63 24.47
CA SER A 15 -26.43 -3.26 23.88
C SER A 15 -27.61 -2.32 23.91
N ALA A 16 -28.66 -2.61 23.14
CA ALA A 16 -29.84 -1.77 23.13
C ALA A 16 -30.55 -1.97 24.47
N TYR A 17 -30.21 -3.09 25.10
CA TYR A 17 -30.77 -3.46 26.39
C TYR A 17 -30.30 -2.41 27.37
N HIS A 18 -29.03 -2.05 27.26
CA HIS A 18 -28.41 -1.07 28.14
C HIS A 18 -29.03 0.30 27.93
N ALA A 19 -29.31 0.62 26.69
CA ALA A 19 -29.89 1.90 26.35
C ALA A 19 -31.22 2.10 27.06
N ALA A 20 -31.90 1.02 27.44
CA ALA A 20 -33.19 1.13 28.11
C ALA A 20 -33.06 1.14 29.63
N ARG A 21 -31.82 1.13 30.11
CA ARG A 21 -31.57 1.10 31.54
C ARG A 21 -31.01 2.39 32.09
N ARG A 22 -31.87 3.20 32.69
CA ARG A 22 -31.42 4.46 33.26
C ARG A 22 -30.41 4.24 34.36
N ASP A 23 -30.70 3.31 35.25
CA ASP A 23 -29.80 3.01 36.35
C ASP A 23 -28.40 2.73 35.85
N MET A 24 -28.31 1.92 34.80
CA MET A 24 -27.03 1.56 34.20
C MET A 24 -26.38 2.77 33.55
N LEU A 25 -27.17 3.55 32.83
CA LEU A 25 -26.67 4.74 32.17
C LEU A 25 -26.09 5.77 33.15
N ASP A 26 -26.82 6.10 34.22
CA ASP A 26 -26.38 7.08 35.20
C ASP A 26 -25.26 6.59 36.09
N ALA A 27 -25.20 5.28 36.30
CA ALA A 27 -24.16 4.66 37.11
C ALA A 27 -22.83 4.83 36.40
N LEU A 28 -22.86 4.89 35.07
CA LEU A 28 -21.66 5.09 34.26
C LEU A 28 -21.51 6.55 33.89
N GLY A 29 -22.52 7.34 34.22
CA GLY A 29 -22.47 8.75 33.92
C GLY A 29 -22.56 9.02 32.43
N ILE A 30 -23.33 8.22 31.71
CA ILE A 30 -23.48 8.43 30.28
C ILE A 30 -24.34 9.66 30.13
N THR A 31 -23.99 10.56 29.22
CA THR A 31 -24.75 11.75 29.03
C THR A 31 -25.44 11.72 27.67
N ALA A 32 -24.81 11.07 26.71
CA ALA A 32 -25.37 10.99 25.37
C ALA A 32 -25.43 9.54 24.92
N LEU A 33 -26.22 9.29 23.89
CA LEU A 33 -26.37 7.95 23.34
C LEU A 33 -26.36 8.02 21.81
N LEU A 34 -25.66 7.08 21.19
CA LEU A 34 -25.63 7.03 19.75
C LEU A 34 -26.29 5.73 19.33
N ASN A 35 -27.58 5.81 18.99
CA ASN A 35 -28.36 4.66 18.55
C ASN A 35 -27.98 4.21 17.14
N VAL A 36 -27.10 3.22 17.05
CA VAL A 36 -26.67 2.73 15.74
C VAL A 36 -27.55 1.64 15.19
N SER A 37 -28.84 1.72 15.46
CA SER A 37 -29.80 0.76 14.93
C SER A 37 -30.81 1.62 14.19
N SER A 38 -31.86 1.03 13.68
CA SER A 38 -32.82 1.81 12.94
C SER A 38 -34.18 2.00 13.60
N ASP A 39 -34.50 1.18 14.60
CA ASP A 39 -35.80 1.30 15.25
C ASP A 39 -35.78 1.31 16.77
N CYS A 40 -34.62 1.17 17.39
CA CYS A 40 -34.59 1.16 18.84
C CYS A 40 -35.07 2.53 19.30
N PRO A 41 -36.10 2.59 20.16
CA PRO A 41 -36.61 3.88 20.64
C PRO A 41 -35.62 4.66 21.51
N ASN A 42 -35.96 5.92 21.74
CA ASN A 42 -35.16 6.77 22.58
C ASN A 42 -36.15 7.17 23.65
N HIS A 43 -36.34 6.27 24.57
CA HIS A 43 -37.30 6.42 25.65
C HIS A 43 -37.15 7.66 26.52
N PHE A 44 -35.92 7.98 26.90
CA PHE A 44 -35.67 9.11 27.77
C PHE A 44 -35.19 10.36 27.05
N GLU A 45 -35.89 10.67 25.96
CA GLU A 45 -35.62 11.81 25.11
C GLU A 45 -35.30 13.05 25.91
N GLY A 46 -35.99 13.21 27.03
CA GLY A 46 -35.78 14.39 27.83
C GLY A 46 -34.50 14.50 28.65
N HIS A 47 -33.94 13.38 29.09
CA HIS A 47 -32.76 13.44 29.93
C HIS A 47 -31.43 13.12 29.32
N TYR A 48 -31.38 12.46 28.17
CA TYR A 48 -30.10 12.15 27.58
C TYR A 48 -30.05 12.65 26.15
N GLN A 49 -28.86 13.00 25.68
CA GLN A 49 -28.71 13.48 24.31
C GLN A 49 -28.71 12.25 23.43
N TYR A 50 -29.54 12.26 22.40
CA TYR A 50 -29.65 11.14 21.50
C TYR A 50 -29.28 11.52 20.06
N LYS A 51 -28.61 10.62 19.37
CA LYS A 51 -28.24 10.81 17.97
C LYS A 51 -28.51 9.49 17.31
N CYS A 52 -29.26 9.50 16.21
CA CYS A 52 -29.57 8.25 15.55
C CYS A 52 -28.80 8.06 14.24
N ILE A 53 -28.42 6.81 13.98
CA ILE A 53 -27.71 6.40 12.78
C ILE A 53 -28.40 5.13 12.27
N PRO A 54 -29.55 5.29 11.59
CA PRO A 54 -30.43 4.27 11.01
C PRO A 54 -29.80 3.24 10.09
N VAL A 55 -29.21 2.19 10.67
CA VAL A 55 -28.56 1.16 9.88
C VAL A 55 -29.08 -0.22 10.24
N GLU A 56 -28.90 -1.17 9.32
CA GLU A 56 -29.32 -2.56 9.53
C GLU A 56 -28.08 -3.41 9.64
N ASP A 57 -28.14 -4.54 10.32
CA ASP A 57 -26.97 -5.39 10.38
C ASP A 57 -27.03 -6.21 9.09
N ASN A 58 -26.77 -5.51 7.98
CA ASN A 58 -26.79 -6.09 6.65
C ASN A 58 -25.45 -6.00 5.98
N HIS A 59 -25.46 -6.46 4.73
CA HIS A 59 -24.32 -6.44 3.84
C HIS A 59 -24.81 -5.34 2.92
N LYS A 60 -26.13 -5.16 2.95
CA LYS A 60 -26.85 -4.17 2.18
C LYS A 60 -26.94 -2.88 3.00
N ALA A 61 -26.03 -2.70 3.95
CA ALA A 61 -26.05 -1.51 4.77
C ALA A 61 -24.81 -0.70 4.51
N ASP A 62 -25.01 0.59 4.22
CA ASP A 62 -23.88 1.47 3.95
C ASP A 62 -23.59 2.26 5.22
N ILE A 63 -23.04 1.57 6.22
CA ILE A 63 -22.73 2.21 7.48
C ILE A 63 -21.56 3.19 7.36
N SER A 64 -20.75 2.99 6.34
CA SER A 64 -19.59 3.86 6.12
C SER A 64 -19.96 5.34 5.94
N SER A 65 -21.02 5.60 5.19
CA SER A 65 -21.44 6.98 4.99
C SER A 65 -21.51 7.79 6.29
N TRP A 66 -22.15 7.22 7.31
CA TRP A 66 -22.31 7.90 8.61
C TRP A 66 -21.08 8.01 9.47
N PHE A 67 -20.02 7.32 9.11
CA PHE A 67 -18.81 7.38 9.92
C PHE A 67 -18.47 8.80 10.34
N MET A 68 -18.47 9.73 9.40
CA MET A 68 -18.12 11.10 9.71
C MET A 68 -19.10 11.78 10.66
N GLU A 69 -20.38 11.63 10.36
CA GLU A 69 -21.41 12.22 11.19
C GLU A 69 -21.31 11.69 12.61
N ALA A 70 -21.09 10.39 12.70
CA ALA A 70 -20.98 9.71 13.98
C ALA A 70 -19.75 10.21 14.73
N ILE A 71 -18.61 10.19 14.06
CA ILE A 71 -17.36 10.62 14.67
C ILE A 71 -17.54 12.02 15.23
N GLU A 72 -18.16 12.87 14.43
CA GLU A 72 -18.43 14.24 14.83
C GLU A 72 -19.18 14.22 16.14
N TYR A 73 -20.36 13.62 16.11
CA TYR A 73 -21.21 13.51 17.30
C TYR A 73 -20.39 13.09 18.51
N ILE A 74 -19.62 12.01 18.36
CA ILE A 74 -18.80 11.50 19.45
C ILE A 74 -17.82 12.56 19.89
N ASP A 75 -17.12 13.19 18.95
CA ASP A 75 -16.18 14.24 19.32
C ASP A 75 -16.94 15.32 20.07
N ALA A 76 -18.15 15.62 19.59
CA ALA A 76 -19.00 16.63 20.19
C ALA A 76 -19.18 16.37 21.68
N VAL A 77 -19.73 15.21 22.01
CA VAL A 77 -19.98 14.83 23.40
C VAL A 77 -18.67 14.76 24.17
N LYS A 78 -17.59 14.47 23.45
CA LYS A 78 -16.25 14.37 24.02
C LYS A 78 -15.82 15.73 24.57
N ASP A 79 -16.13 16.76 23.79
CA ASP A 79 -15.79 18.14 24.14
C ASP A 79 -16.62 18.69 25.29
N CYS A 80 -17.84 18.19 25.47
CA CYS A 80 -18.68 18.66 26.57
C CYS A 80 -18.24 17.87 27.80
N ARG A 81 -17.17 17.11 27.64
CA ARG A 81 -16.64 16.28 28.72
C ARG A 81 -17.74 15.31 29.17
N GLY A 82 -18.52 14.82 28.21
CA GLY A 82 -19.59 13.88 28.55
C GLY A 82 -19.19 12.42 28.36
N ARG A 83 -20.17 11.57 28.10
CA ARG A 83 -19.93 10.16 27.85
C ARG A 83 -21.00 9.58 26.92
N VAL A 84 -20.58 9.08 25.76
CA VAL A 84 -21.52 8.53 24.81
C VAL A 84 -21.58 7.02 24.90
N LEU A 85 -22.76 6.50 24.63
CA LEU A 85 -22.99 5.08 24.63
C LEU A 85 -23.33 4.72 23.20
N VAL A 86 -22.35 4.28 22.43
CA VAL A 86 -22.65 3.88 21.07
C VAL A 86 -23.26 2.52 21.25
N HIS A 87 -24.41 2.26 20.63
CA HIS A 87 -25.05 0.96 20.82
C HIS A 87 -25.97 0.50 19.69
N SER A 88 -26.09 -0.81 19.55
CA SER A 88 -26.97 -1.42 18.55
C SER A 88 -27.65 -2.60 19.25
N GLN A 89 -28.68 -3.17 18.63
CA GLN A 89 -29.43 -4.27 19.23
C GLN A 89 -28.66 -5.18 20.16
N ALA A 90 -27.69 -5.90 19.62
CA ALA A 90 -26.87 -6.81 20.43
C ALA A 90 -25.50 -6.22 20.85
N GLY A 91 -25.07 -5.16 20.19
CA GLY A 91 -23.79 -4.57 20.52
C GLY A 91 -22.67 -5.47 20.05
N ILE A 92 -22.82 -6.04 18.86
CA ILE A 92 -21.80 -6.92 18.31
C ILE A 92 -21.27 -6.42 16.99
N SER A 93 -22.16 -6.08 16.07
CA SER A 93 -21.74 -5.59 14.77
C SER A 93 -21.74 -4.09 14.62
N ARG A 94 -22.91 -3.52 14.36
CA ARG A 94 -23.07 -2.09 14.16
C ARG A 94 -22.37 -1.14 15.12
N SER A 95 -22.78 -1.10 16.37
CA SER A 95 -22.16 -0.21 17.34
C SER A 95 -20.65 -0.37 17.42
N ALA A 96 -20.15 -1.55 17.06
CA ALA A 96 -18.73 -1.84 17.09
C ALA A 96 -18.04 -1.20 15.90
N THR A 97 -18.56 -1.49 14.71
CA THR A 97 -18.04 -0.95 13.47
C THR A 97 -17.72 0.51 13.67
N ILE A 98 -18.70 1.23 14.20
CA ILE A 98 -18.56 2.64 14.45
C ILE A 98 -17.50 3.02 15.46
N CYS A 99 -17.41 2.29 16.55
CA CYS A 99 -16.39 2.61 17.52
C CYS A 99 -15.06 2.42 16.88
N LEU A 100 -14.98 1.45 15.98
CA LEU A 100 -13.74 1.15 15.28
C LEU A 100 -13.38 2.31 14.37
N ALA A 101 -14.32 2.67 13.50
CA ALA A 101 -14.12 3.76 12.58
C ALA A 101 -13.61 4.99 13.31
N TYR A 102 -14.23 5.29 14.44
CA TYR A 102 -13.84 6.44 15.26
C TYR A 102 -12.39 6.35 15.75
N LEU A 103 -12.03 5.18 16.27
CA LEU A 103 -10.69 4.93 16.80
C LEU A 103 -9.65 5.01 15.71
N MET A 104 -9.95 4.37 14.58
CA MET A 104 -9.04 4.39 13.45
C MET A 104 -8.75 5.85 13.11
N MET A 105 -9.80 6.64 13.00
CA MET A 105 -9.72 8.06 12.68
C MET A 105 -8.99 8.88 13.74
N LYS A 106 -9.69 9.13 14.85
CA LYS A 106 -9.14 9.91 15.93
C LYS A 106 -7.72 9.54 16.37
N LYS A 107 -7.50 8.25 16.61
CA LYS A 107 -6.18 7.82 17.05
C LYS A 107 -5.30 7.27 15.95
N ARG A 108 -5.80 7.26 14.72
CA ARG A 108 -5.07 6.77 13.55
C ARG A 108 -4.41 5.41 13.76
N VAL A 109 -5.13 4.34 13.47
CA VAL A 109 -4.60 3.00 13.66
C VAL A 109 -5.18 2.01 12.65
N ARG A 110 -4.55 0.85 12.56
CA ARG A 110 -5.00 -0.18 11.65
C ARG A 110 -6.29 -0.80 12.17
N LEU A 111 -7.20 -1.10 11.24
CA LEU A 111 -8.47 -1.73 11.60
C LEU A 111 -8.11 -2.89 12.49
N GLU A 112 -6.95 -3.49 12.19
CA GLU A 112 -6.42 -4.60 12.94
C GLU A 112 -6.22 -4.27 14.39
N GLU A 113 -5.33 -3.31 14.63
CA GLU A 113 -5.00 -2.85 15.97
C GLU A 113 -6.24 -2.47 16.75
N ALA A 114 -7.10 -1.65 16.13
CA ALA A 114 -8.32 -1.23 16.77
C ALA A 114 -9.15 -2.44 17.16
N PHE A 115 -9.51 -3.24 16.16
CA PHE A 115 -10.31 -4.42 16.36
C PHE A 115 -9.87 -5.12 17.60
N GLU A 116 -8.56 -5.19 17.81
CA GLU A 116 -8.03 -5.85 19.00
C GLU A 116 -8.32 -5.05 20.23
N PHE A 117 -7.80 -3.84 20.26
CA PHE A 117 -8.02 -2.96 21.40
C PHE A 117 -9.44 -3.05 21.96
N VAL A 118 -10.39 -3.34 21.07
CA VAL A 118 -11.79 -3.43 21.45
C VAL A 118 -12.20 -4.86 21.81
N LYS A 119 -11.65 -5.86 21.12
CA LYS A 119 -12.00 -7.25 21.43
C LYS A 119 -11.71 -7.49 22.90
N GLN A 120 -10.68 -6.83 23.41
CA GLN A 120 -10.27 -6.95 24.80
C GLN A 120 -11.28 -6.32 25.74
N ARG A 121 -12.07 -5.39 25.22
CA ARG A 121 -13.08 -4.71 26.03
C ARG A 121 -14.39 -5.48 26.01
N ARG A 122 -14.87 -5.79 24.81
CA ARG A 122 -16.11 -6.54 24.66
C ARG A 122 -15.84 -7.64 23.67
N SER A 123 -15.28 -8.72 24.18
CA SER A 123 -14.94 -9.90 23.40
C SER A 123 -15.99 -10.37 22.39
N ILE A 124 -17.22 -9.91 22.54
CA ILE A 124 -18.33 -10.31 21.67
C ILE A 124 -18.31 -9.66 20.29
N ILE A 125 -17.52 -8.59 20.15
CA ILE A 125 -17.39 -7.84 18.89
C ILE A 125 -17.37 -8.69 17.63
N SER A 126 -18.10 -8.27 16.61
CA SER A 126 -18.11 -9.02 15.36
C SER A 126 -18.82 -8.32 14.21
N PRO A 127 -18.17 -7.28 13.62
CA PRO A 127 -18.77 -6.55 12.50
C PRO A 127 -18.99 -7.50 11.34
N ASN A 128 -20.22 -7.60 10.84
CA ASN A 128 -20.45 -8.51 9.73
C ASN A 128 -19.51 -8.12 8.60
N PHE A 129 -19.10 -9.11 7.82
CA PHE A 129 -18.17 -8.92 6.71
C PHE A 129 -18.32 -7.65 5.89
N SER A 130 -19.54 -7.37 5.44
CA SER A 130 -19.80 -6.16 4.66
C SER A 130 -19.17 -4.96 5.36
N PHE A 131 -19.55 -4.75 6.62
CA PHE A 131 -19.02 -3.65 7.40
C PHE A 131 -17.51 -3.76 7.50
N MET A 132 -17.03 -4.98 7.59
CA MET A 132 -15.61 -5.21 7.70
C MET A 132 -14.89 -4.60 6.48
N GLY A 133 -15.41 -4.86 5.30
CA GLY A 133 -14.79 -4.32 4.09
C GLY A 133 -14.87 -2.81 4.08
N GLN A 134 -16.04 -2.28 4.46
CA GLN A 134 -16.26 -0.84 4.50
C GLN A 134 -15.34 -0.20 5.53
N LEU A 135 -15.00 -0.95 6.57
CA LEU A 135 -14.12 -0.46 7.62
C LEU A 135 -12.72 -0.38 7.08
N LEU A 136 -12.43 -1.17 6.06
CA LEU A 136 -11.12 -1.18 5.43
C LEU A 136 -11.04 -0.03 4.45
N GLN A 137 -12.04 0.04 3.58
CA GLN A 137 -12.14 1.09 2.60
C GLN A 137 -11.88 2.41 3.31
N PHE A 138 -12.53 2.60 4.45
CA PHE A 138 -12.38 3.81 5.25
C PHE A 138 -10.99 3.91 5.83
N GLU A 139 -10.40 2.77 6.16
CA GLU A 139 -9.08 2.74 6.77
C GLU A 139 -8.05 3.47 5.92
N SER A 140 -7.92 3.05 4.66
CA SER A 140 -6.97 3.66 3.74
C SER A 140 -7.09 5.18 3.79
N GLN A 141 -8.32 5.64 3.65
CA GLN A 141 -8.64 7.04 3.67
C GLN A 141 -8.16 7.78 4.92
N VAL A 142 -8.41 7.22 6.09
CA VAL A 142 -7.99 7.84 7.35
C VAL A 142 -6.47 8.03 7.45
N LEU A 143 -5.73 7.07 6.90
CA LEU A 143 -4.27 7.09 6.94
C LEU A 143 -3.67 8.12 5.97
N ALA A 144 -4.35 8.31 4.84
CA ALA A 144 -3.92 9.26 3.80
C ALA A 144 -3.73 10.66 4.38
N MET B 1 -10.00 19.88 -22.10
CA MET B 1 -11.35 19.89 -22.69
C MET B 1 -11.46 19.04 -23.96
N GLY B 2 -12.17 19.58 -24.94
CA GLY B 2 -12.39 18.90 -26.21
C GLY B 2 -13.72 18.17 -26.25
N GLY B 3 -14.14 17.69 -25.08
CA GLY B 3 -15.39 16.97 -24.97
C GLY B 3 -15.13 15.56 -24.46
N PRO B 4 -16.08 14.94 -23.76
CA PRO B 4 -15.92 13.59 -23.23
C PRO B 4 -16.04 12.54 -24.34
N VAL B 5 -15.24 11.49 -24.24
CA VAL B 5 -15.25 10.44 -25.23
C VAL B 5 -16.24 9.36 -24.87
N GLU B 6 -16.96 8.88 -25.88
CA GLU B 6 -17.91 7.82 -25.63
C GLU B 6 -17.26 6.46 -25.64
N ILE B 7 -17.01 5.90 -24.46
CA ILE B 7 -16.41 4.57 -24.39
C ILE B 7 -17.50 3.57 -24.78
N LEU B 8 -18.61 3.63 -24.07
CA LEU B 8 -19.76 2.78 -24.34
C LEU B 8 -20.93 3.69 -24.50
N PRO B 9 -21.97 3.24 -25.22
CA PRO B 9 -23.17 4.04 -25.45
C PRO B 9 -23.67 4.72 -24.18
N PHE B 10 -23.45 4.05 -23.05
CA PHE B 10 -23.87 4.56 -21.76
C PHE B 10 -22.66 4.91 -20.88
N LEU B 11 -21.47 4.79 -21.45
CA LEU B 11 -20.27 5.09 -20.68
C LEU B 11 -19.37 6.07 -21.39
N TYR B 12 -19.11 7.20 -20.74
CA TYR B 12 -18.24 8.23 -21.30
C TYR B 12 -17.11 8.54 -20.35
N LEU B 13 -15.99 8.97 -20.92
CA LEU B 13 -14.82 9.30 -20.13
C LEU B 13 -14.46 10.76 -20.34
N GLY B 14 -14.13 11.46 -19.27
CA GLY B 14 -13.80 12.86 -19.43
C GLY B 14 -12.98 13.54 -18.34
N SER B 15 -12.89 14.85 -18.46
CA SER B 15 -12.13 15.72 -17.56
C SER B 15 -13.08 16.36 -16.52
N ALA B 16 -12.52 16.91 -15.44
CA ALA B 16 -13.35 17.54 -14.42
C ALA B 16 -13.87 18.83 -15.00
N TYR B 17 -13.18 19.28 -16.05
CA TYR B 17 -13.51 20.49 -16.80
C TYR B 17 -14.88 20.26 -17.43
N HIS B 18 -15.05 19.06 -17.98
CA HIS B 18 -16.28 18.67 -18.63
C HIS B 18 -17.41 18.58 -17.63
N ALA B 19 -17.10 18.06 -16.46
CA ALA B 19 -18.10 17.91 -15.41
C ALA B 19 -18.73 19.25 -15.04
N ALA B 20 -17.99 20.34 -15.27
CA ALA B 20 -18.50 21.67 -14.94
C ALA B 20 -19.24 22.34 -16.10
N ARG B 21 -19.40 21.61 -17.20
CA ARG B 21 -20.05 22.14 -18.37
C ARG B 21 -21.40 21.50 -18.66
N ARG B 22 -22.46 22.21 -18.28
CA ARG B 22 -23.81 21.71 -18.50
C ARG B 22 -24.07 21.51 -19.98
N ASP B 23 -23.75 22.54 -20.77
CA ASP B 23 -23.95 22.50 -22.21
C ASP B 23 -23.33 21.23 -22.80
N MET B 24 -22.10 20.93 -22.42
CA MET B 24 -21.42 19.76 -22.89
C MET B 24 -22.12 18.50 -22.40
N LEU B 25 -22.52 18.49 -21.12
CA LEU B 25 -23.19 17.34 -20.53
C LEU B 25 -24.51 16.99 -21.22
N ASP B 26 -25.34 18.01 -21.44
CA ASP B 26 -26.65 17.81 -22.06
C ASP B 26 -26.58 17.53 -23.53
N ALA B 27 -25.54 18.06 -24.17
CA ALA B 27 -25.33 17.86 -25.60
C ALA B 27 -25.06 16.37 -25.85
N LEU B 28 -24.44 15.72 -24.88
CA LEU B 28 -24.14 14.31 -24.96
C LEU B 28 -25.21 13.50 -24.29
N GLY B 29 -26.11 14.19 -23.62
CA GLY B 29 -27.19 13.51 -22.93
C GLY B 29 -26.70 12.72 -21.73
N ILE B 30 -25.71 13.26 -21.03
CA ILE B 30 -25.21 12.58 -19.85
C ILE B 30 -26.28 12.76 -18.77
N THR B 31 -26.59 11.69 -18.05
CA THR B 31 -27.61 11.77 -16.99
C THR B 31 -26.96 11.63 -15.61
N ALA B 32 -25.89 10.88 -15.53
CA ALA B 32 -25.20 10.69 -14.27
C ALA B 32 -23.73 11.00 -14.44
N LEU B 33 -23.06 11.23 -13.33
CA LEU B 33 -21.64 11.52 -13.32
C LEU B 33 -20.96 10.74 -12.22
N LEU B 34 -19.78 10.18 -12.51
CA LEU B 34 -19.04 9.44 -11.50
C LEU B 34 -17.74 10.20 -11.23
N ASN B 35 -17.75 11.01 -10.19
CA ASN B 35 -16.59 11.82 -9.82
C ASN B 35 -15.49 10.99 -9.19
N VAL B 36 -14.52 10.57 -10.00
CA VAL B 36 -13.43 9.74 -9.51
C VAL B 36 -12.27 10.55 -8.97
N SER B 37 -12.58 11.66 -8.34
CA SER B 37 -11.54 12.46 -7.73
C SER B 37 -12.02 12.59 -6.29
N SER B 38 -11.32 13.36 -5.48
CA SER B 38 -11.71 13.49 -4.10
C SER B 38 -12.29 14.83 -3.68
N ASP B 39 -12.10 15.88 -4.47
CA ASP B 39 -12.61 17.20 -4.10
C ASP B 39 -13.34 17.98 -5.19
N CYS B 40 -13.44 17.41 -6.40
CA CYS B 40 -14.15 18.12 -7.46
C CYS B 40 -15.60 18.26 -7.00
N PRO B 41 -16.13 19.49 -6.97
CA PRO B 41 -17.51 19.68 -6.55
C PRO B 41 -18.54 19.07 -7.50
N ASN B 42 -19.78 19.00 -7.03
CA ASN B 42 -20.87 18.50 -7.82
C ASN B 42 -21.82 19.69 -7.84
N HIS B 43 -21.48 20.63 -8.69
CA HIS B 43 -22.21 21.87 -8.82
C HIS B 43 -23.70 21.77 -9.11
N PHE B 44 -24.07 20.86 -9.99
CA PHE B 44 -25.47 20.70 -10.39
C PHE B 44 -26.16 19.52 -9.74
N GLU B 45 -25.94 19.42 -8.43
CA GLU B 45 -26.51 18.39 -7.59
C GLU B 45 -27.96 18.12 -7.91
N GLY B 46 -28.70 19.17 -8.23
CA GLY B 46 -30.11 19.01 -8.53
C GLY B 46 -30.51 18.37 -9.85
N HIS B 47 -29.70 18.54 -10.90
CA HIS B 47 -30.07 17.99 -12.21
C HIS B 47 -29.41 16.73 -12.70
N TYR B 48 -28.27 16.37 -12.14
CA TYR B 48 -27.61 15.15 -12.59
C TYR B 48 -27.34 14.21 -11.43
N GLN B 49 -27.34 12.91 -11.70
CA GLN B 49 -27.08 11.92 -10.66
C GLN B 49 -25.59 11.91 -10.46
N TYR B 50 -25.17 12.07 -9.22
CA TYR B 50 -23.75 12.08 -8.88
C TYR B 50 -23.35 10.94 -7.92
N LYS B 51 -22.17 10.36 -8.15
CA LYS B 51 -21.65 9.31 -7.31
C LYS B 51 -20.19 9.64 -7.15
N CYS B 52 -19.72 9.68 -5.92
CA CYS B 52 -18.34 10.03 -5.71
C CYS B 52 -17.47 8.83 -5.29
N ILE B 53 -16.22 8.83 -5.78
CA ILE B 53 -15.24 7.78 -5.48
C ILE B 53 -13.94 8.51 -5.16
N PRO B 54 -13.84 9.03 -3.92
CA PRO B 54 -12.74 9.78 -3.33
C PRO B 54 -11.35 9.16 -3.41
N VAL B 55 -10.68 9.36 -4.54
CA VAL B 55 -9.35 8.81 -4.72
C VAL B 55 -8.36 9.88 -5.14
N GLU B 56 -7.07 9.61 -4.93
CA GLU B 56 -5.99 10.54 -5.32
C GLU B 56 -5.22 9.90 -6.45
N ASP B 57 -4.58 10.69 -7.30
CA ASP B 57 -3.79 10.07 -8.35
C ASP B 57 -2.44 9.77 -7.68
N ASN B 58 -2.49 8.75 -6.81
CA ASN B 58 -1.35 8.31 -6.03
C ASN B 58 -0.98 6.88 -6.35
N HIS B 59 0.02 6.42 -5.61
CA HIS B 59 0.53 5.06 -5.64
C HIS B 59 -0.02 4.58 -4.31
N LYS B 60 -0.29 5.59 -3.46
CA LYS B 60 -0.84 5.42 -2.13
C LYS B 60 -2.36 5.47 -2.21
N ALA B 61 -2.90 5.17 -3.38
CA ALA B 61 -4.34 5.19 -3.54
C ALA B 61 -4.85 3.77 -3.84
N ASP B 62 -5.83 3.33 -3.07
CA ASP B 62 -6.39 2.01 -3.26
C ASP B 62 -7.66 2.11 -4.07
N ILE B 63 -7.52 2.48 -5.32
CA ILE B 63 -8.68 2.65 -6.18
C ILE B 63 -9.40 1.31 -6.45
N SER B 64 -8.68 0.20 -6.29
CA SER B 64 -9.25 -1.11 -6.56
C SER B 64 -10.46 -1.39 -5.69
N SER B 65 -10.39 -1.04 -4.42
CA SER B 65 -11.51 -1.29 -3.52
C SER B 65 -12.85 -0.85 -4.14
N TRP B 66 -12.90 0.36 -4.68
CA TRP B 66 -14.13 0.90 -5.26
C TRP B 66 -14.56 0.32 -6.59
N PHE B 67 -13.70 -0.46 -7.23
CA PHE B 67 -14.05 -1.03 -8.52
C PHE B 67 -15.48 -1.56 -8.53
N MET B 68 -15.82 -2.39 -7.54
CA MET B 68 -17.15 -2.97 -7.51
C MET B 68 -18.25 -1.94 -7.35
N GLU B 69 -18.08 -1.03 -6.41
CA GLU B 69 -19.06 0.00 -6.17
C GLU B 69 -19.30 0.82 -7.42
N ALA B 70 -18.20 1.17 -8.07
CA ALA B 70 -18.23 1.94 -9.28
C ALA B 70 -18.92 1.19 -10.40
N ILE B 71 -18.49 -0.06 -10.64
CA ILE B 71 -19.09 -0.89 -11.69
C ILE B 71 -20.59 -0.95 -11.48
N GLU B 72 -20.99 -1.16 -10.23
CA GLU B 72 -22.39 -1.23 -9.86
C GLU B 72 -23.06 0.03 -10.35
N TYR B 73 -22.61 1.17 -9.82
CA TYR B 73 -23.17 2.46 -10.18
C TYR B 73 -23.34 2.57 -11.69
N ILE B 74 -22.28 2.25 -12.43
CA ILE B 74 -22.30 2.34 -13.88
C ILE B 74 -23.38 1.42 -14.42
N ASP B 75 -23.40 0.17 -13.98
CA ASP B 75 -24.43 -0.75 -14.45
C ASP B 75 -25.79 -0.16 -14.15
N ALA B 76 -25.91 0.46 -12.98
CA ALA B 76 -27.15 1.08 -12.53
C ALA B 76 -27.66 2.07 -13.57
N VAL B 77 -26.86 3.08 -13.85
CA VAL B 77 -27.20 4.12 -14.83
C VAL B 77 -27.42 3.49 -16.21
N LYS B 78 -26.73 2.38 -16.45
CA LYS B 78 -26.83 1.64 -17.71
C LYS B 78 -28.25 1.11 -17.86
N ASP B 79 -28.80 0.60 -16.76
CA ASP B 79 -30.13 0.03 -16.75
C ASP B 79 -31.24 1.07 -16.87
N CYS B 80 -30.98 2.29 -16.42
CA CYS B 80 -31.98 3.33 -16.54
C CYS B 80 -31.87 3.89 -17.96
N ARG B 81 -31.06 3.23 -18.77
CA ARG B 81 -30.82 3.65 -20.15
C ARG B 81 -30.27 5.08 -20.16
N GLY B 82 -29.44 5.41 -19.16
CA GLY B 82 -28.86 6.73 -19.10
C GLY B 82 -27.46 6.82 -19.68
N ARG B 83 -26.67 7.77 -19.18
CA ARG B 83 -25.30 7.93 -19.64
C ARG B 83 -24.43 8.50 -18.53
N VAL B 84 -23.41 7.76 -18.14
CA VAL B 84 -22.52 8.21 -17.08
C VAL B 84 -21.25 8.83 -17.64
N LEU B 85 -20.75 9.82 -16.92
CA LEU B 85 -19.53 10.48 -17.30
C LEU B 85 -18.53 10.17 -16.20
N VAL B 86 -17.70 9.16 -16.40
CA VAL B 86 -16.72 8.84 -15.38
C VAL B 86 -15.67 9.90 -15.61
N HIS B 87 -15.21 10.57 -14.56
CA HIS B 87 -14.21 11.63 -14.74
C HIS B 87 -13.36 11.95 -13.55
N SER B 88 -12.16 12.43 -13.83
CA SER B 88 -11.20 12.83 -12.80
C SER B 88 -10.57 14.13 -13.28
N GLN B 89 -9.85 14.82 -12.41
CA GLN B 89 -9.22 16.10 -12.77
C GLN B 89 -8.85 16.27 -14.23
N ALA B 90 -7.87 15.49 -14.69
CA ALA B 90 -7.42 15.58 -16.08
C ALA B 90 -8.03 14.51 -17.00
N GLY B 91 -8.59 13.47 -16.42
CA GLY B 91 -9.18 12.42 -17.22
C GLY B 91 -8.09 11.59 -17.89
N ILE B 92 -7.03 11.32 -17.14
CA ILE B 92 -5.92 10.55 -17.67
C ILE B 92 -5.69 9.27 -16.87
N SER B 93 -5.59 9.39 -15.55
CA SER B 93 -5.35 8.23 -14.72
C SER B 93 -6.59 7.62 -14.10
N ARG B 94 -7.03 8.22 -13.00
CA ARG B 94 -8.20 7.76 -12.25
C ARG B 94 -9.44 7.35 -13.04
N SER B 95 -10.12 8.31 -13.64
CA SER B 95 -11.32 7.99 -14.42
C SER B 95 -11.11 6.88 -15.46
N ALA B 96 -9.86 6.72 -15.90
CA ALA B 96 -9.53 5.70 -16.90
C ALA B 96 -9.46 4.35 -16.24
N THR B 97 -8.67 4.27 -15.19
CA THR B 97 -8.49 3.04 -14.44
C THR B 97 -9.85 2.39 -14.28
N ILE B 98 -10.80 3.18 -13.81
CA ILE B 98 -12.13 2.71 -13.56
C ILE B 98 -12.88 2.24 -14.78
N CYS B 99 -12.77 2.98 -15.87
CA CYS B 99 -13.45 2.56 -17.08
C CYS B 99 -12.88 1.23 -17.51
N LEU B 100 -11.58 1.05 -17.25
CA LEU B 100 -10.89 -0.18 -17.59
C LEU B 100 -11.43 -1.32 -16.77
N ALA B 101 -11.38 -1.16 -15.46
CA ALA B 101 -11.87 -2.17 -14.53
C ALA B 101 -13.26 -2.64 -14.96
N TYR B 102 -14.12 -1.67 -15.28
CA TYR B 102 -15.49 -1.95 -15.70
C TYR B 102 -15.54 -2.81 -16.95
N LEU B 103 -14.73 -2.42 -17.94
CA LEU B 103 -14.68 -3.12 -19.22
C LEU B 103 -14.15 -4.53 -19.04
N MET B 104 -13.08 -4.64 -18.28
CA MET B 104 -12.49 -5.93 -18.02
C MET B 104 -13.57 -6.83 -17.46
N MET B 105 -14.27 -6.34 -16.44
CA MET B 105 -15.34 -7.06 -15.77
C MET B 105 -16.53 -7.40 -16.68
N LYS B 106 -17.31 -6.37 -16.99
CA LYS B 106 -18.48 -6.52 -17.83
C LYS B 106 -18.27 -7.28 -19.11
N LYS B 107 -17.27 -6.90 -19.89
CA LYS B 107 -17.02 -7.57 -21.15
C LYS B 107 -15.96 -8.63 -21.08
N ARG B 108 -15.39 -8.83 -19.90
CA ARG B 108 -14.34 -9.84 -19.71
C ARG B 108 -13.22 -9.78 -20.75
N VAL B 109 -12.19 -8.99 -20.47
CA VAL B 109 -11.06 -8.84 -21.39
C VAL B 109 -9.75 -8.54 -20.67
N ARG B 110 -8.64 -8.70 -21.38
CA ARG B 110 -7.34 -8.45 -20.82
C ARG B 110 -7.13 -6.96 -20.60
N LEU B 111 -6.48 -6.59 -19.50
CA LEU B 111 -6.21 -5.21 -19.19
C LEU B 111 -5.62 -4.62 -20.46
N GLU B 112 -4.87 -5.46 -21.14
CA GLU B 112 -4.20 -5.11 -22.38
C GLU B 112 -5.21 -4.67 -23.44
N GLU B 113 -6.08 -5.60 -23.81
CA GLU B 113 -7.10 -5.34 -24.80
C GLU B 113 -7.90 -4.09 -24.47
N ALA B 114 -8.39 -4.03 -23.24
CA ALA B 114 -9.17 -2.88 -22.79
C ALA B 114 -8.37 -1.60 -22.99
N PHE B 115 -7.21 -1.55 -22.33
CA PHE B 115 -6.32 -0.40 -22.39
C PHE B 115 -6.27 0.13 -23.81
N GLU B 116 -6.22 -0.78 -24.78
CA GLU B 116 -6.18 -0.36 -26.16
C GLU B 116 -7.51 0.21 -26.56
N PHE B 117 -8.53 -0.62 -26.49
CA PHE B 117 -9.87 -0.18 -26.86
C PHE B 117 -10.15 1.24 -26.43
N VAL B 118 -9.57 1.63 -25.31
CA VAL B 118 -9.77 2.97 -24.77
C VAL B 118 -8.73 3.97 -25.27
N LYS B 119 -7.48 3.55 -25.48
CA LYS B 119 -6.46 4.45 -25.98
C LYS B 119 -6.94 5.06 -27.28
N GLN B 120 -7.67 4.26 -28.05
CA GLN B 120 -8.20 4.68 -29.32
C GLN B 120 -9.28 5.75 -29.15
N ARG B 121 -9.90 5.77 -27.96
CA ARG B 121 -10.96 6.74 -27.71
C ARG B 121 -10.37 8.03 -27.16
N ARG B 122 -9.57 7.92 -26.11
CA ARG B 122 -8.94 9.09 -25.51
C ARG B 122 -7.46 8.77 -25.34
N SER B 123 -6.74 8.97 -26.43
CA SER B 123 -5.30 8.72 -26.50
C SER B 123 -4.48 9.20 -25.31
N ILE B 124 -5.05 10.10 -24.52
CA ILE B 124 -4.35 10.67 -23.36
C ILE B 124 -4.25 9.73 -22.16
N ILE B 125 -5.05 8.67 -22.16
CA ILE B 125 -5.08 7.67 -21.10
C ILE B 125 -3.72 7.31 -20.50
N SER B 126 -3.65 7.21 -19.18
CA SER B 126 -2.38 6.85 -18.53
C SER B 126 -2.49 6.59 -17.03
N PRO B 127 -3.07 5.44 -16.65
CA PRO B 127 -3.21 5.09 -15.23
C PRO B 127 -1.83 5.01 -14.60
N ASN B 128 -1.59 5.76 -13.54
CA ASN B 128 -0.28 5.70 -12.91
C ASN B 128 0.00 4.25 -12.55
N PHE B 129 1.28 3.86 -12.58
CA PHE B 129 1.73 2.50 -12.29
C PHE B 129 1.00 1.77 -11.17
N SER B 130 0.91 2.40 -10.01
CA SER B 130 0.22 1.79 -8.88
C SER B 130 -1.12 1.22 -9.36
N PHE B 131 -1.94 2.09 -9.94
CA PHE B 131 -3.25 1.69 -10.44
C PHE B 131 -3.09 0.58 -11.45
N MET B 132 -2.03 0.68 -12.24
CA MET B 132 -1.78 -0.32 -13.26
C MET B 132 -1.68 -1.70 -12.64
N GLY B 133 -0.91 -1.79 -11.56
CA GLY B 133 -0.75 -3.07 -10.87
C GLY B 133 -2.07 -3.55 -10.29
N GLN B 134 -2.81 -2.62 -9.67
CA GLN B 134 -4.10 -2.91 -9.06
C GLN B 134 -5.09 -3.36 -10.13
N LEU B 135 -4.92 -2.84 -11.34
CA LEU B 135 -5.79 -3.19 -12.46
C LEU B 135 -5.50 -4.60 -12.90
N LEU B 136 -4.29 -5.08 -12.63
CA LEU B 136 -3.89 -6.44 -12.99
C LEU B 136 -4.42 -7.38 -11.94
N GLN B 137 -4.12 -7.05 -10.68
CA GLN B 137 -4.57 -7.83 -9.55
C GLN B 137 -6.03 -8.14 -9.76
N PHE B 138 -6.79 -7.11 -10.08
CA PHE B 138 -8.22 -7.23 -10.33
C PHE B 138 -8.50 -8.08 -11.56
N GLU B 139 -7.61 -7.99 -12.54
CA GLU B 139 -7.78 -8.72 -13.79
C GLU B 139 -7.94 -10.21 -13.58
N SER B 140 -6.95 -10.81 -12.91
CA SER B 140 -6.96 -12.25 -12.63
C SER B 140 -8.32 -12.66 -12.08
N GLN B 141 -8.71 -11.93 -11.04
CA GLN B 141 -9.97 -12.15 -10.37
C GLN B 141 -11.19 -12.15 -11.30
N VAL B 142 -11.29 -11.15 -12.18
CA VAL B 142 -12.42 -11.06 -13.11
C VAL B 142 -12.53 -12.26 -14.05
N LEU B 143 -11.37 -12.79 -14.44
CA LEU B 143 -11.31 -13.93 -15.34
C LEU B 143 -11.71 -15.25 -14.67
N ALA B 144 -11.37 -15.34 -13.40
CA ALA B 144 -11.69 -16.51 -12.57
C ALA B 144 -13.17 -16.86 -12.64
N MET C 1 -7.74 35.79 -20.09
CA MET C 1 -7.93 34.33 -19.89
C MET C 1 -6.67 33.50 -20.19
N GLY C 2 -6.89 32.34 -20.83
CA GLY C 2 -5.82 31.43 -21.18
C GLY C 2 -5.68 30.32 -20.16
N GLY C 3 -6.00 30.61 -18.90
CA GLY C 3 -5.86 29.64 -17.83
C GLY C 3 -4.89 30.14 -16.78
N PRO C 4 -5.08 29.75 -15.50
CA PRO C 4 -4.18 30.18 -14.43
C PRO C 4 -2.86 29.44 -14.50
N VAL C 5 -1.79 30.14 -14.15
CA VAL C 5 -0.46 29.56 -14.19
C VAL C 5 -0.10 28.92 -12.86
N GLU C 6 0.50 27.74 -12.92
CA GLU C 6 0.90 27.08 -11.70
C GLU C 6 2.24 27.60 -11.19
N ILE C 7 2.21 28.47 -10.19
CA ILE C 7 3.45 28.98 -9.61
C ILE C 7 4.08 27.85 -8.82
N LEU C 8 3.31 27.34 -7.86
CA LEU C 8 3.71 26.23 -7.02
C LEU C 8 2.64 25.18 -7.15
N PRO C 9 3.00 23.91 -6.92
CA PRO C 9 2.04 22.81 -7.01
C PRO C 9 0.71 23.12 -6.33
N PHE C 10 0.78 23.94 -5.29
CA PHE C 10 -0.40 24.33 -4.52
C PHE C 10 -0.65 25.82 -4.68
N LEU C 11 0.12 26.48 -5.52
CA LEU C 11 -0.05 27.91 -5.73
C LEU C 11 -0.21 28.28 -7.19
N TYR C 12 -1.35 28.87 -7.54
CA TYR C 12 -1.61 29.29 -8.91
C TYR C 12 -1.91 30.77 -8.96
N LEU C 13 -1.60 31.38 -10.09
CA LEU C 13 -1.83 32.79 -10.32
C LEU C 13 -2.76 32.97 -11.50
N GLY C 14 -3.74 33.87 -11.36
CA GLY C 14 -4.67 34.07 -12.45
C GLY C 14 -5.46 35.35 -12.48
N SER C 15 -6.44 35.38 -13.38
CA SER C 15 -7.32 36.53 -13.60
C SER C 15 -8.67 36.36 -12.86
N ALA C 16 -9.42 37.43 -12.71
CA ALA C 16 -10.71 37.35 -12.05
C ALA C 16 -11.65 36.60 -13.00
N TYR C 17 -11.28 36.59 -14.27
CA TYR C 17 -12.03 35.92 -15.31
C TYR C 17 -12.01 34.45 -14.98
N HIS C 18 -10.84 34.00 -14.55
CA HIS C 18 -10.62 32.60 -14.20
C HIS C 18 -11.43 32.21 -12.99
N ALA C 19 -11.47 33.11 -12.03
CA ALA C 19 -12.21 32.89 -10.79
C ALA C 19 -13.68 32.60 -11.07
N ALA C 20 -14.19 33.08 -12.18
CA ALA C 20 -15.60 32.87 -12.52
C ALA C 20 -15.83 31.60 -13.33
N ARG C 21 -14.75 30.86 -13.58
CA ARG C 21 -14.82 29.65 -14.39
C ARG C 21 -14.65 28.38 -13.61
N ARG C 22 -15.77 27.73 -13.31
CA ARG C 22 -15.74 26.47 -12.56
C ARG C 22 -14.99 25.40 -13.32
N ASP C 23 -15.30 25.24 -14.61
CA ASP C 23 -14.63 24.26 -15.45
C ASP C 23 -13.11 24.41 -15.37
N MET C 24 -12.64 25.64 -15.46
CA MET C 24 -11.22 25.93 -15.38
C MET C 24 -10.70 25.61 -13.98
N LEU C 25 -11.44 26.00 -12.95
CA LEU C 25 -11.03 25.76 -11.56
C LEU C 25 -10.88 24.29 -11.22
N ASP C 26 -11.87 23.49 -11.60
CA ASP C 26 -11.86 22.06 -11.31
C ASP C 26 -10.90 21.27 -12.18
N ALA C 27 -10.67 21.76 -13.39
CA ALA C 27 -9.75 21.12 -14.32
C ALA C 27 -8.34 21.19 -13.73
N LEU C 28 -8.07 22.26 -12.98
CA LEU C 28 -6.78 22.44 -12.32
C LEU C 28 -6.84 21.94 -10.88
N GLY C 29 -8.03 21.54 -10.45
CA GLY C 29 -8.20 21.06 -9.10
C GLY C 29 -7.97 22.15 -8.07
N ILE C 30 -8.39 23.37 -8.35
CA ILE C 30 -8.22 24.44 -7.38
C ILE C 30 -9.26 24.19 -6.30
N THR C 31 -8.87 24.33 -5.04
CA THR C 31 -9.80 24.08 -3.96
C THR C 31 -10.13 25.37 -3.25
N ALA C 32 -9.17 26.29 -3.21
CA ALA C 32 -9.38 27.56 -2.56
C ALA C 32 -9.04 28.69 -3.51
N LEU C 33 -9.53 29.88 -3.19
CA LEU C 33 -9.27 31.06 -4.00
C LEU C 33 -8.95 32.21 -3.11
N LEU C 34 -7.95 32.98 -3.49
CA LEU C 34 -7.58 34.18 -2.73
C LEU C 34 -7.86 35.41 -3.60
N ASN C 35 -9.03 36.03 -3.39
CA ASN C 35 -9.47 37.20 -4.13
C ASN C 35 -8.71 38.46 -3.70
N VAL C 36 -7.63 38.79 -4.42
CA VAL C 36 -6.82 39.96 -4.10
C VAL C 36 -7.32 41.25 -4.74
N SER C 37 -8.62 41.38 -4.86
CA SER C 37 -9.22 42.59 -5.41
C SER C 37 -10.19 43.02 -4.31
N SER C 38 -10.96 44.05 -4.55
CA SER C 38 -11.87 44.52 -3.51
C SER C 38 -13.36 44.29 -3.76
N ASP C 39 -13.74 44.01 -5.00
CA ASP C 39 -15.16 43.81 -5.31
C ASP C 39 -15.51 42.60 -6.15
N CYS C 40 -14.51 41.83 -6.59
CA CYS C 40 -14.82 40.65 -7.39
C CYS C 40 -15.64 39.72 -6.52
N PRO C 41 -16.83 39.30 -6.99
CA PRO C 41 -17.68 38.41 -6.20
C PRO C 41 -17.08 37.02 -5.99
N ASN C 42 -17.70 36.26 -5.09
CA ASN C 42 -17.27 34.91 -4.82
C ASN C 42 -18.53 34.15 -5.11
N HIS C 43 -18.76 33.95 -6.41
CA HIS C 43 -19.95 33.28 -6.90
C HIS C 43 -20.25 31.91 -6.36
N PHE C 44 -19.22 31.08 -6.26
CA PHE C 44 -19.39 29.70 -5.80
C PHE C 44 -19.02 29.48 -4.34
N GLU C 45 -19.49 30.39 -3.50
CA GLU C 45 -19.26 30.39 -2.06
C GLU C 45 -19.39 29.00 -1.46
N GLY C 46 -20.35 28.24 -1.98
CA GLY C 46 -20.59 26.90 -1.48
C GLY C 46 -19.57 25.83 -1.79
N HIS C 47 -18.91 25.90 -2.96
CA HIS C 47 -17.96 24.84 -3.31
C HIS C 47 -16.47 25.09 -3.20
N TYR C 48 -16.05 26.34 -3.10
CA TYR C 48 -14.62 26.62 -2.99
C TYR C 48 -14.34 27.49 -1.79
N GLN C 49 -13.16 27.32 -1.20
CA GLN C 49 -12.77 28.11 -0.05
C GLN C 49 -12.34 29.45 -0.57
N TYR C 50 -12.91 30.51 -0.01
CA TYR C 50 -12.60 31.86 -0.43
C TYR C 50 -12.01 32.70 0.70
N LYS C 51 -11.04 33.53 0.35
CA LYS C 51 -10.40 34.42 1.32
C LYS C 51 -10.25 35.72 0.58
N CYS C 52 -10.70 36.81 1.17
CA CYS C 52 -10.60 38.08 0.48
C CYS C 52 -9.53 39.00 1.06
N ILE C 53 -8.89 39.75 0.18
CA ILE C 53 -7.85 40.72 0.54
C ILE C 53 -8.14 41.97 -0.26
N PRO C 54 -9.11 42.77 0.22
CA PRO C 54 -9.62 44.03 -0.33
C PRO C 54 -8.59 45.10 -0.65
N VAL C 55 -7.99 45.03 -1.82
CA VAL C 55 -6.99 46.02 -2.21
C VAL C 55 -7.30 46.61 -3.58
N GLU C 56 -6.73 47.79 -3.85
CA GLU C 56 -6.90 48.48 -5.13
C GLU C 56 -5.57 48.46 -5.86
N ASP C 57 -5.58 48.52 -7.18
CA ASP C 57 -4.31 48.56 -7.88
C ASP C 57 -3.90 50.04 -7.84
N ASN C 58 -3.54 50.48 -6.65
CA ASN C 58 -3.16 51.85 -6.37
C ASN C 58 -1.72 51.95 -5.90
N HIS C 59 -1.37 53.15 -5.69
CA HIS C 59 -0.14 53.54 -4.99
C HIS C 59 -0.45 53.87 -3.54
N LYS C 60 -1.82 54.12 -3.52
CA LYS C 60 -2.52 54.44 -2.28
C LYS C 60 -3.05 53.14 -1.69
N ALA C 61 -2.43 52.03 -2.05
CA ALA C 61 -2.87 50.75 -1.53
C ALA C 61 -1.76 50.17 -0.66
N ASP C 62 -2.12 49.78 0.57
CA ASP C 62 -1.15 49.19 1.48
C ASP C 62 -1.33 47.68 1.46
N ILE C 63 -0.95 47.08 0.34
CA ILE C 63 -1.08 45.64 0.18
C ILE C 63 -0.13 44.85 1.10
N SER C 64 0.95 45.52 1.54
CA SER C 64 1.94 44.90 2.42
C SER C 64 1.33 44.38 3.73
N SER C 65 0.44 45.16 4.33
CA SER C 65 -0.18 44.75 5.57
C SER C 65 -0.70 43.31 5.51
N TRP C 66 -1.42 42.98 4.44
CA TRP C 66 -2.01 41.65 4.29
C TRP C 66 -1.06 40.53 3.96
N PHE C 67 0.17 40.87 3.58
CA PHE C 67 1.13 39.84 3.23
C PHE C 67 1.08 38.64 4.18
N MET C 68 1.15 38.89 5.48
CA MET C 68 1.14 37.82 6.45
C MET C 68 -0.15 36.99 6.45
N GLU C 69 -1.28 37.70 6.45
CA GLU C 69 -2.57 37.05 6.45
C GLU C 69 -2.69 36.16 5.23
N ALA C 70 -2.29 36.70 4.09
CA ALA C 70 -2.33 35.99 2.82
C ALA C 70 -1.44 34.77 2.85
N ILE C 71 -0.18 34.99 3.24
CA ILE C 71 0.81 33.90 3.30
C ILE C 71 0.24 32.78 4.15
N GLU C 72 -0.34 33.16 5.29
CA GLU C 72 -0.95 32.21 6.20
C GLU C 72 -1.97 31.39 5.43
N TYR C 73 -2.98 32.09 4.90
CA TYR C 73 -4.03 31.46 4.13
C TYR C 73 -3.46 30.48 3.13
N ILE C 74 -2.49 30.94 2.35
CA ILE C 74 -1.86 30.08 1.36
C ILE C 74 -1.23 28.86 2.02
N ASP C 75 -0.45 29.07 3.08
CA ASP C 75 0.16 27.94 3.78
C ASP C 75 -0.95 27.00 4.25
N ALA C 76 -2.04 27.59 4.72
CA ALA C 76 -3.19 26.83 5.19
C ALA C 76 -3.66 25.83 4.14
N VAL C 77 -4.06 26.35 2.99
CA VAL C 77 -4.52 25.52 1.89
C VAL C 77 -3.43 24.54 1.44
N LYS C 78 -2.19 24.95 1.63
CA LYS C 78 -1.03 24.15 1.26
C LYS C 78 -1.01 22.89 2.11
N ASP C 79 -1.32 23.06 3.40
CA ASP C 79 -1.32 21.95 4.35
C ASP C 79 -2.48 20.99 4.13
N CYS C 80 -3.60 21.48 3.59
CA CYS C 80 -4.74 20.61 3.33
C CYS C 80 -4.46 19.91 2.03
N ARG C 81 -3.25 20.11 1.51
CA ARG C 81 -2.85 19.52 0.24
C ARG C 81 -3.80 19.99 -0.86
N GLY C 82 -4.25 21.24 -0.75
CA GLY C 82 -5.16 21.79 -1.75
C GLY C 82 -4.45 22.60 -2.84
N ARG C 83 -5.16 23.56 -3.41
CA ARG C 83 -4.62 24.42 -4.46
C ARG C 83 -5.32 25.78 -4.45
N VAL C 84 -4.56 26.83 -4.19
CA VAL C 84 -5.13 28.16 -4.15
C VAL C 84 -4.90 28.87 -5.45
N LEU C 85 -5.87 29.72 -5.79
CA LEU C 85 -5.80 30.52 -6.98
C LEU C 85 -5.74 31.95 -6.51
N VAL C 86 -4.54 32.51 -6.40
CA VAL C 86 -4.42 33.90 -5.99
C VAL C 86 -4.80 34.66 -7.26
N HIS C 87 -5.69 35.64 -7.15
CA HIS C 87 -6.10 36.36 -8.34
C HIS C 87 -6.64 37.75 -8.13
N SER C 88 -6.47 38.61 -9.13
CA SER C 88 -6.97 39.97 -9.11
C SER C 88 -7.58 40.23 -10.50
N GLN C 89 -8.30 41.34 -10.66
CA GLN C 89 -8.93 41.65 -11.94
C GLN C 89 -8.24 41.15 -13.19
N ALA C 90 -7.03 41.66 -13.47
CA ALA C 90 -6.30 41.24 -14.66
C ALA C 90 -5.20 40.19 -14.37
N GLY C 91 -4.84 40.07 -13.10
CA GLY C 91 -3.80 39.12 -12.75
C GLY C 91 -2.45 39.64 -13.22
N ILE C 92 -2.21 40.92 -13.00
CA ILE C 92 -0.95 41.52 -13.41
C ILE C 92 -0.20 42.14 -12.24
N SER C 93 -0.91 42.96 -11.47
CA SER C 93 -0.30 43.63 -10.34
C SER C 93 -0.56 42.94 -9.00
N ARG C 94 -1.72 43.22 -8.41
CA ARG C 94 -2.11 42.68 -7.11
C ARG C 94 -1.83 41.19 -6.84
N SER C 95 -2.55 40.30 -7.50
CA SER C 95 -2.34 38.87 -7.29
C SER C 95 -0.88 38.43 -7.43
N ALA C 96 -0.10 39.22 -8.18
CA ALA C 96 1.30 38.90 -8.41
C ALA C 96 2.12 39.33 -7.19
N THR C 97 1.94 40.58 -6.79
CA THR C 97 2.64 41.12 -5.64
C THR C 97 2.62 40.09 -4.53
N ILE C 98 1.42 39.59 -4.26
CA ILE C 98 1.21 38.61 -3.22
C ILE C 98 1.92 37.29 -3.43
N CYS C 99 1.89 36.76 -4.65
CA CYS C 99 2.58 35.51 -4.91
C CYS C 99 4.05 35.71 -4.68
N LEU C 100 4.52 36.92 -4.96
CA LEU C 100 5.93 37.28 -4.77
C LEU C 100 6.28 37.31 -3.30
N ALA C 101 5.52 38.09 -2.55
CA ALA C 101 5.71 38.22 -1.11
C ALA C 101 5.82 36.81 -0.48
N TYR C 102 4.89 35.94 -0.85
CA TYR C 102 4.83 34.57 -0.36
C TYR C 102 6.10 33.79 -0.68
N LEU C 103 6.55 33.90 -1.94
CA LEU C 103 7.74 33.20 -2.39
C LEU C 103 8.97 33.72 -1.67
N MET C 104 9.06 35.04 -1.58
CA MET C 104 10.18 35.66 -0.90
C MET C 104 10.27 35.07 0.50
N MET C 105 9.15 35.07 1.19
CA MET C 105 9.03 34.56 2.55
C MET C 105 9.34 33.08 2.66
N LYS C 106 8.38 32.27 2.21
CA LYS C 106 8.49 30.82 2.26
C LYS C 106 9.80 30.24 1.75
N LYS C 107 10.22 30.65 0.57
CA LYS C 107 11.45 30.13 0.00
C LYS C 107 12.65 31.03 0.20
N ARG C 108 12.45 32.16 0.86
CA ARG C 108 13.52 33.14 1.13
C ARG C 108 14.36 33.48 -0.11
N VAL C 109 13.95 34.49 -0.85
CA VAL C 109 14.67 34.89 -2.07
C VAL C 109 14.53 36.38 -2.35
N ARG C 110 15.39 36.88 -3.23
CA ARG C 110 15.36 38.29 -3.59
C ARG C 110 14.12 38.60 -4.44
N LEU C 111 13.51 39.75 -4.18
CA LEU C 111 12.34 40.18 -4.94
C LEU C 111 12.70 39.95 -6.40
N GLU C 112 13.98 40.17 -6.70
CA GLU C 112 14.54 40.02 -8.03
C GLU C 112 14.33 38.60 -8.54
N GLU C 113 14.96 37.67 -7.86
CA GLU C 113 14.87 36.27 -8.22
C GLU C 113 13.41 35.80 -8.36
N ALA C 114 12.58 36.11 -7.37
CA ALA C 114 11.17 35.72 -7.39
C ALA C 114 10.52 36.29 -8.64
N PHE C 115 10.58 37.61 -8.74
CA PHE C 115 9.99 38.33 -9.88
C PHE C 115 10.25 37.57 -11.17
N GLU C 116 11.48 37.08 -11.31
CA GLU C 116 11.83 36.32 -12.50
C GLU C 116 11.10 34.99 -12.51
N PHE C 117 11.35 34.16 -11.50
CA PHE C 117 10.73 32.86 -11.40
C PHE C 117 9.27 32.90 -11.83
N VAL C 118 8.62 34.04 -11.59
CA VAL C 118 7.22 34.20 -11.93
C VAL C 118 7.00 34.77 -13.34
N LYS C 119 7.87 35.68 -13.77
CA LYS C 119 7.74 36.26 -15.12
C LYS C 119 7.73 35.12 -16.12
N GLN C 120 8.50 34.08 -15.82
CA GLN C 120 8.58 32.91 -16.69
C GLN C 120 7.27 32.14 -16.70
N ARG C 121 6.48 32.31 -15.65
CA ARG C 121 5.20 31.60 -15.56
C ARG C 121 4.10 32.43 -16.25
N ARG C 122 3.97 33.69 -15.84
CA ARG C 122 2.96 34.53 -16.42
C ARG C 122 3.64 35.82 -16.79
N SER C 123 4.26 35.82 -17.96
CA SER C 123 4.99 36.96 -18.51
C SER C 123 4.31 38.32 -18.37
N ILE C 124 3.01 38.32 -18.10
CA ILE C 124 2.22 39.55 -17.98
C ILE C 124 2.44 40.33 -16.66
N ILE C 125 3.02 39.66 -15.68
CA ILE C 125 3.31 40.22 -14.35
C ILE C 125 3.78 41.66 -14.37
N SER C 126 3.24 42.46 -13.46
CA SER C 126 3.66 43.85 -13.39
C SER C 126 3.11 44.62 -12.18
N PRO C 127 3.67 44.36 -10.98
CA PRO C 127 3.22 45.04 -9.76
C PRO C 127 3.46 46.53 -9.92
N ASN C 128 2.42 47.34 -9.79
CA ASN C 128 2.63 48.77 -9.92
C ASN C 128 3.74 49.19 -8.93
N PHE C 129 4.50 50.21 -9.29
CA PHE C 129 5.62 50.74 -8.49
C PHE C 129 5.41 50.77 -6.98
N SER C 130 4.30 51.35 -6.54
CA SER C 130 3.99 51.41 -5.11
C SER C 130 4.22 50.03 -4.50
N PHE C 131 3.51 49.03 -5.02
CA PHE C 131 3.62 47.67 -4.54
C PHE C 131 5.06 47.18 -4.62
N MET C 132 5.73 47.62 -5.68
CA MET C 132 7.10 47.23 -5.88
C MET C 132 7.95 47.67 -4.69
N GLY C 133 7.79 48.91 -4.27
CA GLY C 133 8.53 49.43 -3.12
C GLY C 133 8.17 48.67 -1.85
N GLN C 134 6.88 48.44 -1.66
CA GLN C 134 6.37 47.70 -0.50
C GLN C 134 6.89 46.27 -0.51
N LEU C 135 7.12 45.74 -1.71
CA LEU C 135 7.63 44.38 -1.86
C LEU C 135 9.10 44.32 -1.45
N LEU C 136 9.76 45.47 -1.52
CA LEU C 136 11.17 45.58 -1.14
C LEU C 136 11.23 45.74 0.37
N GLN C 137 10.46 46.70 0.88
CA GLN C 137 10.40 46.97 2.31
C GLN C 137 10.24 45.65 3.02
N PHE C 138 9.31 44.83 2.50
CA PHE C 138 9.03 43.51 3.07
C PHE C 138 10.20 42.54 2.86
N GLU C 139 10.91 42.71 1.76
CA GLU C 139 12.05 41.84 1.43
C GLU C 139 13.10 41.84 2.53
N SER C 140 13.60 43.02 2.89
CA SER C 140 14.60 43.16 3.95
C SER C 140 14.18 42.35 5.18
N GLN C 141 12.95 42.61 5.62
CA GLN C 141 12.35 41.95 6.77
C GLN C 141 12.39 40.42 6.69
N VAL C 142 11.95 39.86 5.56
CA VAL C 142 11.95 38.40 5.40
C VAL C 142 13.34 37.77 5.52
N LEU C 143 14.37 38.48 5.05
CA LEU C 143 15.75 38.01 5.10
C LEU C 143 16.36 38.08 6.49
N ALA C 144 15.93 39.07 7.27
CA ALA C 144 16.39 39.29 8.65
C ALA C 144 16.15 38.03 9.51
N MET D 1 16.61 -0.40 -35.05
CA MET D 1 18.02 0.09 -35.05
C MET D 1 18.14 1.53 -34.55
N GLY D 2 19.00 2.29 -35.23
CA GLY D 2 19.25 3.68 -34.87
C GLY D 2 20.50 3.82 -34.01
N GLY D 3 20.77 2.79 -33.21
CA GLY D 3 21.91 2.79 -32.33
C GLY D 3 21.46 2.67 -30.87
N PRO D 4 22.29 2.11 -30.00
CA PRO D 4 21.95 1.95 -28.59
C PRO D 4 22.05 3.28 -27.86
N VAL D 5 21.14 3.50 -26.92
CA VAL D 5 21.13 4.73 -26.16
C VAL D 5 21.97 4.62 -24.91
N GLU D 6 22.75 5.66 -24.61
CA GLU D 6 23.58 5.66 -23.42
C GLU D 6 22.79 6.06 -22.19
N ILE D 7 22.36 5.10 -21.39
CA ILE D 7 21.63 5.40 -20.17
C ILE D 7 22.64 6.02 -19.19
N LEU D 8 23.69 5.24 -18.90
CA LEU D 8 24.76 5.64 -18.02
C LEU D 8 26.03 5.48 -18.81
N PRO D 9 27.07 6.25 -18.45
CA PRO D 9 28.35 6.19 -19.15
C PRO D 9 28.81 4.74 -19.40
N PHE D 10 28.43 3.85 -18.50
CA PHE D 10 28.80 2.44 -18.60
C PHE D 10 27.56 1.59 -18.84
N LEU D 11 26.42 2.23 -19.03
CA LEU D 11 25.18 1.49 -19.24
C LEU D 11 24.43 1.95 -20.49
N TYR D 12 24.24 1.04 -21.43
CA TYR D 12 23.54 1.35 -22.66
C TYR D 12 22.35 0.42 -22.86
N LEU D 13 21.34 0.93 -23.55
CA LEU D 13 20.13 0.17 -23.81
C LEU D 13 19.95 0.02 -25.32
N GLY D 14 19.59 -1.18 -25.78
CA GLY D 14 19.42 -1.36 -27.20
C GLY D 14 18.61 -2.54 -27.67
N SER D 15 18.67 -2.76 -28.98
CA SER D 15 17.93 -3.85 -29.66
C SER D 15 18.83 -5.05 -29.89
N ALA D 16 18.23 -6.20 -30.20
CA ALA D 16 19.02 -7.39 -30.47
C ALA D 16 19.73 -7.19 -31.81
N TYR D 17 19.18 -6.26 -32.59
CA TYR D 17 19.70 -5.90 -33.89
C TYR D 17 21.08 -5.31 -33.66
N HIS D 18 21.16 -4.47 -32.63
CA HIS D 18 22.40 -3.81 -32.27
C HIS D 18 23.45 -4.81 -31.81
N ALA D 19 22.99 -5.79 -31.04
CA ALA D 19 23.87 -6.81 -30.52
C ALA D 19 24.58 -7.55 -31.64
N ALA D 20 23.99 -7.57 -32.83
CA ALA D 20 24.60 -8.26 -33.96
C ALA D 20 25.50 -7.36 -34.78
N ARG D 21 25.68 -6.13 -34.33
CA ARG D 21 26.49 -5.16 -35.05
C ARG D 21 27.80 -4.81 -34.36
N ARG D 22 28.88 -5.43 -34.80
CA ARG D 22 30.18 -5.15 -34.22
C ARG D 22 30.55 -3.70 -34.40
N ASP D 23 30.41 -3.19 -35.63
CA ASP D 23 30.72 -1.80 -35.93
C ASP D 23 30.06 -0.86 -34.93
N MET D 24 28.77 -1.11 -34.67
CA MET D 24 27.99 -0.31 -33.74
C MET D 24 28.52 -0.47 -32.32
N LEU D 25 28.78 -1.72 -31.94
CA LEU D 25 29.30 -2.04 -30.60
C LEU D 25 30.65 -1.37 -30.29
N ASP D 26 31.59 -1.47 -31.21
CA ASP D 26 32.92 -0.88 -31.03
C ASP D 26 32.94 0.62 -31.16
N ALA D 27 32.02 1.16 -31.96
CA ALA D 27 31.93 2.61 -32.15
C ALA D 27 31.52 3.25 -30.82
N LEU D 28 30.75 2.51 -30.03
CA LEU D 28 30.31 2.96 -28.73
C LEU D 28 31.26 2.45 -27.65
N GLY D 29 32.18 1.57 -28.03
CA GLY D 29 33.11 1.03 -27.06
C GLY D 29 32.43 0.12 -26.07
N ILE D 30 31.43 -0.63 -26.52
CA ILE D 30 30.76 -1.55 -25.62
C ILE D 30 31.74 -2.69 -25.40
N THR D 31 31.89 -3.14 -24.16
CA THR D 31 32.81 -4.24 -23.88
C THR D 31 32.04 -5.48 -23.48
N ALA D 32 30.89 -5.30 -22.85
CA ALA D 32 30.09 -6.43 -22.42
C ALA D 32 28.67 -6.28 -22.96
N LEU D 33 27.93 -7.38 -22.94
CA LEU D 33 26.55 -7.39 -23.40
C LEU D 33 25.71 -8.20 -22.44
N LEU D 34 24.51 -7.69 -22.15
CA LEU D 34 23.60 -8.43 -21.28
C LEU D 34 22.37 -8.80 -22.10
N ASN D 35 22.37 -10.02 -22.63
CA ASN D 35 21.27 -10.51 -23.45
C ASN D 35 20.04 -10.82 -22.62
N VAL D 36 19.11 -9.88 -22.54
CA VAL D 36 17.89 -10.09 -21.75
C VAL D 36 16.75 -10.77 -22.51
N SER D 37 17.12 -11.68 -23.39
CA SER D 37 16.12 -12.42 -24.12
C SER D 37 16.47 -13.86 -23.82
N SER D 38 15.81 -14.79 -24.48
CA SER D 38 16.10 -16.17 -24.18
C SER D 38 16.77 -16.96 -25.30
N ASP D 39 16.75 -16.45 -26.53
CA ASP D 39 17.35 -17.18 -27.64
C ASP D 39 18.25 -16.39 -28.57
N CYS D 40 18.40 -15.10 -28.32
CA CYS D 40 19.27 -14.30 -29.17
C CYS D 40 20.69 -14.85 -29.01
N PRO D 41 21.34 -15.23 -30.11
CA PRO D 41 22.71 -15.77 -30.03
C PRO D 41 23.74 -14.76 -29.55
N ASN D 42 24.93 -15.27 -29.25
CA ASN D 42 26.03 -14.43 -28.82
C ASN D 42 27.09 -14.79 -29.85
N HIS D 43 26.92 -14.19 -31.01
CA HIS D 43 27.78 -14.42 -32.15
C HIS D 43 29.26 -14.21 -31.93
N PHE D 44 29.62 -13.14 -31.25
CA PHE D 44 31.03 -12.80 -31.02
C PHE D 44 31.54 -13.16 -29.64
N GLU D 45 31.20 -14.39 -29.24
CA GLU D 45 31.58 -14.97 -27.96
C GLU D 45 33.03 -14.67 -27.60
N GLY D 46 33.89 -14.69 -28.61
CA GLY D 46 35.29 -14.44 -28.35
C GLY D 46 35.72 -13.03 -28.03
N HIS D 47 35.04 -12.02 -28.57
CA HIS D 47 35.47 -10.64 -28.32
C HIS D 47 34.72 -9.79 -27.32
N TYR D 48 33.50 -10.18 -26.96
CA TYR D 48 32.77 -9.38 -25.99
C TYR D 48 32.31 -10.24 -24.84
N GLN D 49 32.20 -9.65 -23.66
CA GLN D 49 31.75 -10.37 -22.48
C GLN D 49 30.24 -10.48 -22.59
N TYR D 50 29.73 -11.70 -22.47
CA TYR D 50 28.30 -11.92 -22.56
C TYR D 50 27.72 -12.51 -21.29
N LYS D 51 26.52 -12.06 -20.94
CA LYS D 51 25.81 -12.56 -19.78
C LYS D 51 24.39 -12.74 -20.24
N CYS D 52 23.82 -13.90 -20.01
CA CYS D 52 22.46 -14.13 -20.44
C CYS D 52 21.46 -14.16 -19.29
N ILE D 53 20.26 -13.64 -19.57
CA ILE D 53 19.13 -13.58 -18.63
C ILE D 53 17.91 -14.02 -19.42
N PRO D 54 17.75 -15.33 -19.60
CA PRO D 54 16.69 -16.03 -20.32
C PRO D 54 15.26 -15.69 -19.91
N VAL D 55 14.71 -14.64 -20.48
CA VAL D 55 13.35 -14.24 -20.14
C VAL D 55 12.51 -14.05 -21.40
N GLU D 56 11.19 -14.10 -21.23
CA GLU D 56 10.25 -13.92 -22.33
C GLU D 56 9.53 -12.60 -22.09
N ASP D 57 9.03 -11.96 -23.14
CA ASP D 57 8.28 -10.75 -22.91
C ASP D 57 6.85 -11.24 -22.61
N ASN D 58 6.72 -11.81 -21.41
CA ASN D 58 5.48 -12.37 -20.92
C ASN D 58 5.01 -11.67 -19.67
N HIS D 59 3.91 -12.21 -19.17
CA HIS D 59 3.27 -11.78 -17.94
C HIS D 59 3.65 -12.98 -17.09
N LYS D 60 3.93 -14.07 -17.81
CA LYS D 60 4.35 -15.36 -17.26
C LYS D 60 5.88 -15.37 -17.15
N ALA D 61 6.48 -14.19 -17.09
CA ALA D 61 7.93 -14.10 -16.97
C ALA D 61 8.27 -13.49 -15.63
N ASP D 62 9.13 -14.18 -14.88
CA ASP D 62 9.58 -13.69 -13.57
C ASP D 62 10.94 -13.02 -13.72
N ILE D 63 10.94 -11.90 -14.42
CA ILE D 63 12.17 -11.16 -14.66
C ILE D 63 12.77 -10.56 -13.37
N SER D 64 11.92 -10.42 -12.37
CA SER D 64 12.37 -9.86 -11.10
C SER D 64 13.48 -10.69 -10.45
N SER D 65 13.33 -12.01 -10.47
CA SER D 65 14.35 -12.87 -9.87
C SER D 65 15.79 -12.45 -10.27
N TRP D 66 16.01 -12.26 -11.58
CA TRP D 66 17.33 -11.91 -12.09
C TRP D 66 17.82 -10.51 -11.81
N PHE D 67 16.94 -9.65 -11.34
CA PHE D 67 17.34 -8.28 -11.06
C PHE D 67 18.70 -8.20 -10.38
N MET D 68 18.87 -8.96 -9.30
CA MET D 68 20.13 -8.92 -8.57
C MET D 68 21.32 -9.40 -9.39
N GLU D 69 21.16 -10.56 -10.04
CA GLU D 69 22.22 -11.13 -10.86
C GLU D 69 22.64 -10.14 -11.93
N ALA D 70 21.63 -9.54 -12.55
CA ALA D 70 21.85 -8.56 -13.61
C ALA D 70 22.55 -7.34 -13.08
N ILE D 71 22.03 -6.77 -11.99
CA ILE D 71 22.61 -5.58 -11.39
C ILE D 71 24.08 -5.84 -11.09
N GLU D 72 24.35 -7.02 -10.52
CA GLU D 72 25.70 -7.43 -10.20
C GLU D 72 26.55 -7.32 -11.47
N TYR D 73 26.17 -8.11 -12.48
CA TYR D 73 26.87 -8.13 -13.75
C TYR D 73 27.18 -6.72 -14.22
N ILE D 74 26.16 -5.88 -14.23
CA ILE D 74 26.32 -4.49 -14.67
C ILE D 74 27.35 -3.78 -13.81
N ASP D 75 27.20 -3.89 -12.49
CA ASP D 75 28.15 -3.25 -11.58
C ASP D 75 29.54 -3.77 -11.92
N ALA D 76 29.62 -5.07 -12.18
CA ALA D 76 30.87 -5.75 -12.53
C ALA D 76 31.57 -5.02 -13.67
N VAL D 77 30.89 -4.96 -14.83
CA VAL D 77 31.43 -4.30 -16.01
C VAL D 77 31.71 -2.82 -15.74
N LYS D 78 30.94 -2.27 -14.81
CA LYS D 78 31.06 -0.88 -14.42
C LYS D 78 32.43 -0.66 -13.77
N ASP D 79 32.83 -1.63 -12.94
CA ASP D 79 34.09 -1.57 -12.22
C ASP D 79 35.30 -1.76 -13.13
N CYS D 80 35.14 -2.52 -14.20
CA CYS D 80 36.24 -2.73 -15.14
C CYS D 80 36.31 -1.51 -16.04
N ARG D 81 35.51 -0.50 -15.68
CA ARG D 81 35.44 0.73 -16.46
C ARG D 81 35.05 0.39 -17.90
N GLY D 82 34.17 -0.59 -18.05
CA GLY D 82 33.71 -1.00 -19.38
C GLY D 82 32.39 -0.34 -19.79
N ARG D 83 31.62 -1.03 -20.64
CA ARG D 83 30.35 -0.52 -21.11
C ARG D 83 29.45 -1.70 -21.48
N VAL D 84 28.33 -1.84 -20.77
CA VAL D 84 27.41 -2.93 -21.06
C VAL D 84 26.26 -2.50 -21.97
N LEU D 85 25.80 -3.43 -22.78
CA LEU D 85 24.69 -3.17 -23.67
C LEU D 85 23.60 -4.10 -23.22
N VAL D 86 22.69 -3.58 -22.39
CA VAL D 86 21.58 -4.41 -21.96
C VAL D 86 20.66 -4.41 -23.17
N HIS D 87 20.19 -5.58 -23.60
CA HIS D 87 19.34 -5.59 -24.77
C HIS D 87 18.42 -6.79 -24.89
N SER D 88 17.29 -6.59 -25.57
CA SER D 88 16.31 -7.64 -25.79
C SER D 88 15.86 -7.47 -27.25
N GLN D 89 15.12 -8.44 -27.78
CA GLN D 89 14.66 -8.38 -29.18
C GLN D 89 14.41 -7.00 -29.77
N ALA D 90 13.42 -6.29 -29.25
CA ALA D 90 13.10 -4.96 -29.73
C ALA D 90 13.67 -3.82 -28.86
N GLY D 91 14.09 -4.14 -27.64
CA GLY D 91 14.63 -3.12 -26.77
C GLY D 91 13.52 -2.20 -26.28
N ILE D 92 12.38 -2.79 -25.95
CA ILE D 92 11.24 -2.02 -25.47
C ILE D 92 10.82 -2.43 -24.07
N SER D 93 10.62 -3.72 -23.88
CA SER D 93 10.19 -4.22 -22.58
C SER D 93 11.31 -4.75 -21.70
N ARG D 94 11.71 -5.98 -21.94
CA ARG D 94 12.74 -6.65 -21.16
C ARG D 94 14.00 -5.84 -20.81
N SER D 95 14.82 -5.55 -21.81
CA SER D 95 16.06 -4.79 -21.55
C SER D 95 15.84 -3.49 -20.78
N ALA D 96 14.63 -2.96 -20.87
CA ALA D 96 14.28 -1.72 -20.20
C ALA D 96 14.00 -2.00 -18.73
N THR D 97 13.10 -2.97 -18.50
CA THR D 97 12.73 -3.36 -17.15
C THR D 97 13.99 -3.41 -16.31
N ILE D 98 14.98 -4.12 -16.84
CA ILE D 98 16.26 -4.29 -16.16
C ILE D 98 17.06 -3.02 -15.93
N CYS D 99 17.12 -2.16 -16.94
CA CYS D 99 17.87 -0.94 -16.74
C CYS D 99 17.20 -0.15 -15.65
N LEU D 100 15.88 -0.26 -15.57
CA LEU D 100 15.09 0.43 -14.56
C LEU D 100 15.43 -0.08 -13.17
N ALA D 101 15.27 -1.40 -13.01
CA ALA D 101 15.57 -2.08 -11.75
C ALA D 101 16.96 -1.64 -11.25
N TYR D 102 17.93 -1.62 -12.15
CA TYR D 102 19.29 -1.23 -11.82
C TYR D 102 19.38 0.21 -11.32
N LEU D 103 18.71 1.12 -12.03
CA LEU D 103 18.72 2.53 -11.69
C LEU D 103 18.02 2.76 -10.35
N MET D 104 16.87 2.12 -10.19
CA MET D 104 16.11 2.22 -8.95
C MET D 104 17.05 1.85 -7.80
N MET D 105 17.70 0.70 -7.94
CA MET D 105 18.63 0.19 -6.93
C MET D 105 19.85 1.11 -6.73
N LYS D 106 20.76 1.08 -7.69
CA LYS D 106 21.99 1.85 -7.63
C LYS D 106 21.84 3.32 -7.24
N LYS D 107 20.94 4.01 -7.93
CA LYS D 107 20.73 5.42 -7.63
C LYS D 107 19.54 5.70 -6.71
N ARG D 108 18.86 4.64 -6.27
CA ARG D 108 17.69 4.75 -5.37
C ARG D 108 16.67 5.82 -5.83
N VAL D 109 15.70 5.39 -6.65
CA VAL D 109 14.69 6.33 -7.16
C VAL D 109 13.37 5.62 -7.42
N ARG D 110 12.31 6.41 -7.59
CA ARG D 110 10.98 5.88 -7.84
C ARG D 110 10.91 5.29 -9.25
N LEU D 111 10.21 4.16 -9.40
CA LEU D 111 10.05 3.53 -10.71
C LEU D 111 9.63 4.62 -11.66
N GLU D 112 8.86 5.56 -11.11
CA GLU D 112 8.35 6.71 -11.84
C GLU D 112 9.49 7.56 -12.41
N GLU D 113 10.30 8.10 -11.51
CA GLU D 113 11.42 8.95 -11.87
C GLU D 113 12.32 8.25 -12.89
N ALA D 114 12.71 7.02 -12.60
CA ALA D 114 13.56 6.25 -13.50
C ALA D 114 12.91 6.14 -14.89
N PHE D 115 11.71 5.54 -14.91
CA PHE D 115 10.95 5.35 -16.14
C PHE D 115 11.08 6.59 -17.00
N GLU D 116 11.01 7.75 -16.38
CA GLU D 116 11.13 8.99 -17.11
C GLU D 116 12.55 9.16 -17.61
N PHE D 117 13.49 9.25 -16.67
CA PHE D 117 14.89 9.41 -17.01
C PHE D 117 15.29 8.60 -18.25
N VAL D 118 14.64 7.46 -18.42
CA VAL D 118 14.91 6.58 -19.54
C VAL D 118 14.03 6.87 -20.76
N LYS D 119 12.76 7.22 -20.54
CA LYS D 119 11.89 7.54 -21.67
C LYS D 119 12.55 8.62 -22.52
N GLN D 120 13.28 9.51 -21.85
CA GLN D 120 13.97 10.62 -22.51
C GLN D 120 15.12 10.11 -23.34
N ARG D 121 15.62 8.92 -23.00
CA ARG D 121 16.75 8.35 -23.74
C ARG D 121 16.24 7.53 -24.91
N ARG D 122 15.33 6.60 -24.64
CA ARG D 122 14.79 5.76 -25.69
C ARG D 122 13.28 5.76 -25.51
N SER D 123 12.67 6.81 -26.07
CA SER D 123 11.23 7.03 -26.02
C SER D 123 10.35 5.78 -26.29
N ILE D 124 10.94 4.75 -26.88
CA ILE D 124 10.22 3.53 -27.22
C ILE D 124 9.90 2.63 -26.03
N ILE D 125 10.58 2.87 -24.91
CA ILE D 125 10.43 2.09 -23.66
C ILE D 125 9.00 1.69 -23.32
N SER D 126 8.81 0.43 -22.95
CA SER D 126 7.47 -0.03 -22.59
C SER D 126 7.41 -1.41 -21.95
N PRO D 127 7.81 -1.50 -20.66
CA PRO D 127 7.79 -2.79 -19.95
C PRO D 127 6.35 -3.28 -19.87
N ASN D 128 6.09 -4.48 -20.39
CA ASN D 128 4.72 -4.99 -20.33
C ASN D 128 4.28 -4.95 -18.87
N PHE D 129 2.98 -4.74 -18.66
CA PHE D 129 2.38 -4.65 -17.32
C PHE D 129 2.93 -5.58 -16.23
N SER D 130 3.00 -6.88 -16.54
CA SER D 130 3.52 -7.85 -15.59
C SER D 130 4.82 -7.31 -15.00
N PHE D 131 5.79 -7.04 -15.88
CA PHE D 131 7.09 -6.51 -15.47
C PHE D 131 6.93 -5.23 -14.69
N MET D 132 5.93 -4.45 -15.09
CA MET D 132 5.67 -3.19 -14.44
C MET D 132 5.36 -3.43 -12.96
N GLY D 133 4.48 -4.41 -12.68
CA GLY D 133 4.13 -4.73 -11.31
C GLY D 133 5.33 -5.24 -10.54
N GLN D 134 6.09 -6.12 -11.18
CA GLN D 134 7.30 -6.70 -10.59
C GLN D 134 8.33 -5.60 -10.32
N LEU D 135 8.34 -4.56 -11.16
CA LEU D 135 9.26 -3.43 -11.01
C LEU D 135 8.89 -2.60 -9.80
N LEU D 136 7.61 -2.68 -9.42
CA LEU D 136 7.10 -1.96 -8.25
C LEU D 136 7.44 -2.77 -7.00
N GLN D 137 7.05 -4.04 -7.04
CA GLN D 137 7.32 -4.97 -5.95
C GLN D 137 8.78 -4.78 -5.51
N PHE D 138 9.67 -4.76 -6.49
CA PHE D 138 11.09 -4.59 -6.25
C PHE D 138 11.40 -3.19 -5.75
N GLU D 139 10.62 -2.21 -6.20
CA GLU D 139 10.83 -0.81 -5.81
C GLU D 139 10.81 -0.62 -4.29
N SER D 140 9.72 -1.07 -3.66
CA SER D 140 9.55 -0.99 -2.20
C SER D 140 10.82 -1.49 -1.51
N GLN D 141 11.21 -2.70 -1.91
CA GLN D 141 12.37 -3.38 -1.38
C GLN D 141 13.65 -2.54 -1.48
N VAL D 142 13.93 -1.98 -2.63
CA VAL D 142 15.12 -1.16 -2.81
C VAL D 142 15.19 0.05 -1.89
N LEU D 143 14.03 0.64 -1.61
CA LEU D 143 13.93 1.82 -0.75
C LEU D 143 14.11 1.49 0.74
N ALA D 144 13.64 0.30 1.13
CA ALA D 144 13.73 -0.20 2.52
C ALA D 144 15.19 -0.16 3.02
N MET E 1 0.66 -28.15 15.55
CA MET E 1 0.47 -29.55 15.05
C MET E 1 -0.96 -30.06 15.21
N GLY E 2 -1.06 -31.33 15.61
CA GLY E 2 -2.35 -31.98 15.80
C GLY E 2 -2.76 -32.81 14.59
N GLY E 3 -2.33 -32.34 13.42
CA GLY E 3 -2.67 -33.01 12.18
C GLY E 3 -3.46 -32.08 11.28
N PRO E 4 -3.34 -32.23 9.95
CA PRO E 4 -4.07 -31.39 9.01
C PRO E 4 -5.57 -31.75 8.97
N VAL E 5 -6.41 -30.74 8.79
CA VAL E 5 -7.83 -30.94 8.76
C VAL E 5 -8.31 -31.18 7.34
N GLU E 6 -9.20 -32.14 7.17
CA GLU E 6 -9.74 -32.43 5.85
C GLU E 6 -10.89 -31.51 5.51
N ILE E 7 -10.62 -30.47 4.72
CA ILE E 7 -11.66 -29.56 4.31
C ILE E 7 -12.53 -30.30 3.30
N LEU E 8 -11.90 -30.78 2.24
CA LEU E 8 -12.56 -31.56 1.20
C LEU E 8 -11.81 -32.85 1.07
N PRO E 9 -12.48 -33.90 0.58
CA PRO E 9 -11.83 -35.21 0.42
C PRO E 9 -10.45 -35.12 -0.21
N PHE E 10 -10.29 -34.13 -1.07
CA PHE E 10 -9.04 -33.91 -1.77
C PHE E 10 -8.39 -32.60 -1.31
N LEU E 11 -8.98 -31.97 -0.32
CA LEU E 11 -8.43 -30.71 0.15
C LEU E 11 -8.23 -30.69 1.64
N TYR E 12 -6.98 -30.49 2.07
CA TYR E 12 -6.66 -30.44 3.50
C TYR E 12 -5.98 -29.14 3.85
N LEU E 13 -6.15 -28.72 5.09
CA LEU E 13 -5.56 -27.48 5.55
C LEU E 13 -4.65 -27.78 6.73
N GLY E 14 -3.46 -27.17 6.75
CA GLY E 14 -2.56 -27.45 7.84
C GLY E 14 -1.45 -26.44 8.09
N SER E 15 -0.54 -26.84 8.98
CA SER E 15 0.62 -26.03 9.40
C SER E 15 1.88 -26.39 8.59
N ALA E 16 2.90 -25.54 8.65
CA ALA E 16 4.14 -25.82 7.94
C ALA E 16 4.84 -26.96 8.66
N TYR E 17 4.42 -27.14 9.91
CA TYR E 17 4.94 -28.19 10.79
C TYR E 17 4.55 -29.52 10.17
N HIS E 18 3.32 -29.57 9.71
CA HIS E 18 2.76 -30.76 9.09
C HIS E 18 3.47 -31.07 7.79
N ALA E 19 3.75 -30.03 7.02
CA ALA E 19 4.43 -30.18 5.74
C ALA E 19 5.76 -30.88 5.91
N ALA E 20 6.37 -30.78 7.09
CA ALA E 20 7.66 -31.42 7.36
C ALA E 20 7.55 -32.84 7.93
N ARG E 21 6.31 -33.32 8.02
CA ARG E 21 6.05 -34.65 8.55
C ARG E 21 5.58 -35.66 7.52
N ARG E 22 6.50 -36.48 7.03
CA ARG E 22 6.15 -37.49 6.06
C ARG E 22 5.12 -38.44 6.59
N ASP E 23 5.36 -38.92 7.82
CA ASP E 23 4.44 -39.86 8.47
C ASP E 23 3.01 -39.33 8.47
N MET E 24 2.88 -38.06 8.82
CA MET E 24 1.58 -37.41 8.84
C MET E 24 1.02 -37.30 7.43
N LEU E 25 1.87 -36.89 6.49
CA LEU E 25 1.46 -36.74 5.09
C LEU E 25 0.93 -38.04 4.48
N ASP E 26 1.69 -39.12 4.63
CA ASP E 26 1.30 -40.41 4.06
C ASP E 26 0.15 -41.06 4.79
N ALA E 27 0.03 -40.78 6.07
CA ALA E 27 -1.04 -41.33 6.89
C ALA E 27 -2.38 -40.79 6.37
N LEU E 28 -2.35 -39.57 5.85
CA LEU E 28 -3.54 -38.92 5.28
C LEU E 28 -3.60 -39.14 3.78
N GLY E 29 -2.53 -39.70 3.24
CA GLY E 29 -2.51 -39.94 1.81
C GLY E 29 -2.39 -38.66 1.00
N ILE E 30 -1.68 -37.68 1.54
CA ILE E 30 -1.50 -36.42 0.81
C ILE E 30 -0.54 -36.73 -0.32
N THR E 31 -0.87 -36.24 -1.52
CA THR E 31 -0.01 -36.48 -2.68
C THR E 31 0.67 -35.19 -3.12
N ALA E 32 -0.02 -34.08 -2.93
CA ALA E 32 0.54 -32.80 -3.30
C ALA E 32 0.50 -31.85 -2.11
N LEU E 33 1.27 -30.77 -2.22
CA LEU E 33 1.32 -29.74 -1.18
C LEU E 33 1.32 -28.38 -1.82
N LEU E 34 0.55 -27.46 -1.24
CA LEU E 34 0.52 -26.10 -1.74
C LEU E 34 1.10 -25.18 -0.66
N ASN E 35 2.38 -24.85 -0.79
CA ASN E 35 3.07 -24.01 0.17
C ASN E 35 2.67 -22.55 0.03
N VAL E 36 1.73 -22.11 0.86
CA VAL E 36 1.25 -20.73 0.81
C VAL E 36 2.05 -19.78 1.68
N SER E 37 3.35 -20.02 1.76
CA SER E 37 4.22 -19.15 2.52
C SER E 37 5.28 -18.78 1.50
N SER E 38 6.30 -18.05 1.92
CA SER E 38 7.31 -17.64 0.97
C SER E 38 8.67 -18.30 1.12
N ASP E 39 8.96 -18.88 2.28
CA ASP E 39 10.26 -19.50 2.52
C ASP E 39 10.27 -20.91 3.09
N CYS E 40 9.10 -21.48 3.38
CA CYS E 40 9.08 -22.83 3.93
C CYS E 40 9.65 -23.75 2.85
N PRO E 41 10.68 -24.54 3.19
CA PRO E 41 11.28 -25.44 2.21
C PRO E 41 10.34 -26.56 1.75
N ASN E 42 10.75 -27.24 0.69
CA ASN E 42 10.00 -28.37 0.16
C ASN E 42 11.03 -29.48 0.25
N HIS E 43 11.18 -29.98 1.46
CA HIS E 43 12.15 -31.01 1.77
C HIS E 43 12.08 -32.28 0.95
N PHE E 44 10.87 -32.77 0.71
CA PHE E 44 10.70 -34.02 -0.02
C PHE E 44 10.31 -33.83 -1.47
N GLU E 45 11.03 -32.92 -2.11
CA GLU E 45 10.83 -32.57 -3.52
C GLU E 45 10.61 -33.79 -4.39
N GLY E 46 11.32 -34.86 -4.06
CA GLY E 46 11.19 -36.07 -4.85
C GLY E 46 9.92 -36.90 -4.73
N HIS E 47 9.27 -36.90 -3.57
CA HIS E 47 8.08 -37.72 -3.38
C HIS E 47 6.71 -37.08 -3.39
N TYR E 48 6.65 -35.77 -3.21
CA TYR E 48 5.34 -35.13 -3.23
C TYR E 48 5.32 -33.99 -4.23
N GLN E 49 4.15 -33.73 -4.82
CA GLN E 49 4.01 -32.64 -5.77
C GLN E 49 3.93 -31.37 -4.97
N TYR E 50 4.78 -30.41 -5.30
CA TYR E 50 4.80 -29.13 -4.61
C TYR E 50 4.47 -27.94 -5.52
N LYS E 51 3.73 -26.98 -4.98
CA LYS E 51 3.37 -25.78 -5.72
C LYS E 51 3.56 -24.67 -4.72
N CYS E 52 4.30 -23.65 -5.10
CA CYS E 52 4.52 -22.57 -4.16
C CYS E 52 3.74 -21.30 -4.53
N ILE E 53 3.29 -20.59 -3.50
CA ILE E 53 2.55 -19.33 -3.63
C ILE E 53 3.15 -18.38 -2.59
N PRO E 54 4.29 -17.77 -2.93
CA PRO E 54 5.10 -16.82 -2.15
C PRO E 54 4.39 -15.62 -1.60
N VAL E 55 3.76 -15.78 -0.45
CA VAL E 55 3.03 -14.68 0.16
C VAL E 55 3.46 -14.48 1.61
N GLU E 56 3.22 -13.28 2.13
CA GLU E 56 3.54 -12.94 3.51
C GLU E 56 2.22 -12.75 4.28
N ASP E 57 2.23 -12.96 5.58
CA ASP E 57 0.99 -12.73 6.32
C ASP E 57 1.01 -11.23 6.60
N ASN E 58 0.78 -10.48 5.53
CA ASN E 58 0.76 -9.02 5.54
C ASN E 58 -0.59 -8.44 5.13
N HIS E 59 -0.60 -7.12 5.09
CA HIS E 59 -1.73 -6.34 4.67
C HIS E 59 -1.17 -5.88 3.33
N LYS E 60 0.16 -5.94 3.26
CA LYS E 60 0.93 -5.59 2.08
C LYS E 60 1.11 -6.83 1.21
N ALA E 61 0.23 -7.80 1.36
CA ALA E 61 0.33 -9.01 0.57
C ALA E 61 -0.86 -9.10 -0.37
N ASP E 62 -0.58 -9.30 -1.66
CA ASP E 62 -1.64 -9.41 -2.62
C ASP E 62 -1.89 -10.88 -2.89
N ILE E 63 -2.46 -11.57 -1.92
CA ILE E 63 -2.72 -12.99 -2.06
C ILE E 63 -3.82 -13.29 -3.09
N SER E 64 -4.65 -12.29 -3.36
CA SER E 64 -5.74 -12.46 -4.29
C SER E 64 -5.26 -12.85 -5.69
N SER E 65 -4.21 -12.20 -6.17
CA SER E 65 -3.69 -12.50 -7.49
C SER E 65 -3.57 -14.02 -7.75
N TRP E 66 -2.98 -14.73 -6.79
CA TRP E 66 -2.76 -16.18 -6.93
C TRP E 66 -3.98 -17.05 -6.79
N PHE E 67 -5.09 -16.48 -6.34
CA PHE E 67 -6.29 -17.28 -6.17
C PHE E 67 -6.54 -18.23 -7.34
N MET E 68 -6.50 -17.71 -8.56
CA MET E 68 -6.73 -18.54 -9.73
C MET E 68 -5.71 -19.63 -9.93
N GLU E 69 -4.44 -19.26 -9.84
CA GLU E 69 -3.36 -20.22 -9.99
C GLU E 69 -3.50 -21.34 -8.97
N ALA E 70 -3.78 -20.95 -7.74
CA ALA E 70 -3.94 -21.89 -6.65
C ALA E 70 -5.14 -22.78 -6.88
N ILE E 71 -6.28 -22.17 -7.20
CA ILE E 71 -7.51 -22.95 -7.45
C ILE E 71 -7.25 -23.98 -8.53
N GLU E 72 -6.56 -23.54 -9.58
CA GLU E 72 -6.20 -24.42 -10.69
C GLU E 72 -5.44 -25.62 -10.12
N TYR E 73 -4.30 -25.32 -9.49
CA TYR E 73 -3.46 -26.35 -8.91
C TYR E 73 -4.30 -27.34 -8.12
N ILE E 74 -5.14 -26.81 -7.22
CA ILE E 74 -5.99 -27.66 -6.40
C ILE E 74 -6.91 -28.51 -7.28
N ASP E 75 -7.57 -27.89 -8.25
CA ASP E 75 -8.44 -28.65 -9.14
C ASP E 75 -7.60 -29.73 -9.82
N ALA E 76 -6.38 -29.37 -10.20
CA ALA E 76 -5.47 -30.30 -10.86
C ALA E 76 -5.31 -31.57 -10.04
N VAL E 77 -4.80 -31.43 -8.82
CA VAL E 77 -4.58 -32.56 -7.92
C VAL E 77 -5.89 -33.28 -7.64
N LYS E 78 -6.99 -32.54 -7.73
CA LYS E 78 -8.33 -33.07 -7.49
C LYS E 78 -8.65 -34.09 -8.57
N ASP E 79 -8.28 -33.75 -9.80
CA ASP E 79 -8.54 -34.59 -10.96
C ASP E 79 -7.68 -35.85 -10.98
N CYS E 80 -6.49 -35.78 -10.39
CA CYS E 80 -5.62 -36.95 -10.34
C CYS E 80 -6.11 -37.81 -9.19
N ARG E 81 -7.24 -37.42 -8.61
CA ARG E 81 -7.79 -38.12 -7.47
C ARG E 81 -6.78 -38.16 -6.32
N GLY E 82 -6.02 -37.07 -6.18
CA GLY E 82 -5.03 -36.99 -5.12
C GLY E 82 -5.55 -36.27 -3.88
N ARG E 83 -4.62 -35.64 -3.15
CA ARG E 83 -4.96 -34.91 -1.95
C ARG E 83 -3.93 -33.80 -1.71
N VAL E 84 -4.37 -32.55 -1.72
CA VAL E 84 -3.48 -31.43 -1.51
C VAL E 84 -3.53 -30.95 -0.07
N LEU E 85 -2.38 -30.47 0.40
CA LEU E 85 -2.25 -29.94 1.73
C LEU E 85 -1.92 -28.49 1.56
N VAL E 86 -2.93 -27.64 1.62
CA VAL E 86 -2.66 -26.23 1.49
C VAL E 86 -2.13 -25.88 2.87
N HIS E 87 -1.02 -25.14 2.95
CA HIS E 87 -0.47 -24.82 4.25
C HIS E 87 0.41 -23.59 4.30
N SER E 88 0.45 -22.96 5.47
CA SER E 88 1.28 -21.79 5.72
C SER E 88 1.88 -21.96 7.11
N GLN E 89 2.88 -21.15 7.45
CA GLN E 89 3.54 -21.25 8.75
C GLN E 89 2.71 -21.80 9.90
N ALA E 90 1.69 -21.06 10.33
CA ALA E 90 0.84 -21.50 11.43
C ALA E 90 -0.49 -22.14 10.96
N GLY E 91 -0.83 -21.94 9.70
CA GLY E 91 -2.08 -22.50 9.19
C GLY E 91 -3.26 -21.76 9.77
N ILE E 92 -3.15 -20.44 9.84
CA ILE E 92 -4.21 -19.63 10.40
C ILE E 92 -4.72 -18.63 9.38
N SER E 93 -3.82 -17.87 8.79
CA SER E 93 -4.21 -16.87 7.83
C SER E 93 -4.12 -17.29 6.38
N ARG E 94 -2.92 -17.23 5.84
CA ARG E 94 -2.66 -17.56 4.45
C ARG E 94 -3.31 -18.81 3.89
N SER E 95 -2.89 -19.98 4.37
CA SER E 95 -3.45 -21.23 3.87
C SER E 95 -4.97 -21.29 3.93
N ALA E 96 -5.54 -20.51 4.85
CA ALA E 96 -6.98 -20.47 5.05
C ALA E 96 -7.63 -19.63 3.97
N THR E 97 -7.11 -18.42 3.83
CA THR E 97 -7.60 -17.48 2.83
C THR E 97 -7.82 -18.25 1.53
N ILE E 98 -6.78 -18.97 1.13
CA ILE E 98 -6.83 -19.73 -0.09
C ILE E 98 -7.87 -20.82 -0.14
N CYS E 99 -8.00 -21.57 0.95
CA CYS E 99 -9.01 -22.63 0.97
C CYS E 99 -10.38 -22.01 0.83
N LEU E 100 -10.52 -20.81 1.37
CA LEU E 100 -11.77 -20.07 1.31
C LEU E 100 -12.07 -19.67 -0.12
N ALA E 101 -11.09 -18.99 -0.74
CA ALA E 101 -11.22 -18.53 -2.11
C ALA E 101 -11.66 -19.69 -3.00
N TYR E 102 -11.03 -20.83 -2.82
CA TYR E 102 -11.32 -22.04 -3.60
C TYR E 102 -12.77 -22.51 -3.42
N LEU E 103 -13.20 -22.57 -2.16
CA LEU E 103 -14.54 -23.00 -1.80
C LEU E 103 -15.58 -22.04 -2.37
N MET E 104 -15.34 -20.75 -2.17
CA MET E 104 -16.23 -19.74 -2.68
C MET E 104 -16.42 -20.00 -4.17
N MET E 105 -15.31 -20.12 -4.88
CA MET E 105 -15.31 -20.35 -6.31
C MET E 105 -15.98 -21.67 -6.71
N LYS E 106 -15.27 -22.75 -6.46
CA LYS E 106 -15.75 -24.07 -6.82
C LYS E 106 -17.17 -24.36 -6.41
N LYS E 107 -17.50 -24.13 -5.15
CA LYS E 107 -18.85 -24.41 -4.65
C LYS E 107 -19.76 -23.21 -4.63
N ARG E 108 -19.25 -22.06 -5.05
CA ARG E 108 -20.03 -20.83 -5.08
C ARG E 108 -20.78 -20.56 -3.78
N VAL E 109 -20.14 -19.85 -2.85
CA VAL E 109 -20.75 -19.53 -1.57
C VAL E 109 -20.24 -18.22 -0.99
N ARG E 110 -20.96 -17.70 -0.01
CA ARG E 110 -20.58 -16.46 0.64
C ARG E 110 -19.32 -16.66 1.48
N LEU E 111 -18.42 -15.67 1.46
CA LEU E 111 -17.22 -15.72 2.25
C LEU E 111 -17.64 -16.13 3.64
N GLU E 112 -18.83 -15.66 4.01
CA GLU E 112 -19.44 -15.96 5.29
C GLU E 112 -19.62 -17.45 5.50
N GLU E 113 -20.44 -18.03 4.65
CA GLU E 113 -20.74 -19.44 4.72
C GLU E 113 -19.47 -20.26 4.74
N ALA E 114 -18.56 -19.97 3.82
CA ALA E 114 -17.32 -20.73 3.73
C ALA E 114 -16.56 -20.61 5.03
N PHE E 115 -16.26 -19.38 5.41
CA PHE E 115 -15.53 -19.08 6.63
C PHE E 115 -16.02 -20.01 7.74
N GLU E 116 -17.34 -20.18 7.81
CA GLU E 116 -17.90 -21.04 8.84
C GLU E 116 -17.55 -22.47 8.57
N PHE E 117 -17.98 -22.98 7.43
CA PHE E 117 -17.70 -24.35 7.03
C PHE E 117 -16.29 -24.77 7.42
N VAL E 118 -15.37 -23.83 7.39
CA VAL E 118 -13.98 -24.11 7.71
C VAL E 118 -13.66 -23.91 9.20
N LYS E 119 -14.29 -22.92 9.83
CA LYS E 119 -14.06 -22.68 11.26
C LYS E 119 -14.35 -23.96 12.03
N GLN E 120 -15.34 -24.70 11.54
CA GLN E 120 -15.75 -25.95 12.16
C GLN E 120 -14.68 -27.01 11.99
N ARG E 121 -13.83 -26.86 10.97
CA ARG E 121 -12.79 -27.85 10.71
C ARG E 121 -11.54 -27.50 11.49
N ARG E 122 -11.07 -26.26 11.35
CA ARG E 122 -9.88 -25.82 12.05
C ARG E 122 -10.23 -24.49 12.69
N SER E 123 -10.84 -24.58 13.87
CA SER E 123 -11.27 -23.43 14.65
C SER E 123 -10.26 -22.29 14.76
N ILE E 124 -9.00 -22.58 14.50
CA ILE E 124 -7.92 -21.59 14.60
C ILE E 124 -7.90 -20.53 13.46
N ILE E 125 -8.60 -20.83 12.37
CA ILE E 125 -8.70 -19.96 11.18
C ILE E 125 -8.78 -18.47 11.50
N SER E 126 -8.02 -17.66 10.77
CA SER E 126 -8.05 -16.21 10.99
C SER E 126 -7.30 -15.38 9.95
N PRO E 127 -7.87 -15.26 8.73
CA PRO E 127 -7.24 -14.48 7.67
C PRO E 127 -7.10 -13.04 8.14
N ASN E 128 -5.88 -12.49 8.13
CA ASN E 128 -5.70 -11.11 8.57
C ASN E 128 -6.63 -10.25 7.73
N PHE E 129 -7.10 -9.15 8.30
CA PHE E 129 -8.02 -8.23 7.66
C PHE E 129 -7.79 -7.95 6.18
N SER E 130 -6.56 -7.61 5.82
CA SER E 130 -6.23 -7.34 4.42
C SER E 130 -6.80 -8.44 3.54
N PHE E 131 -6.37 -9.67 3.83
CA PHE E 131 -6.83 -10.82 3.08
C PHE E 131 -8.34 -10.89 3.12
N MET E 132 -8.89 -10.54 4.27
CA MET E 132 -10.32 -10.58 4.44
C MET E 132 -10.98 -9.73 3.37
N GLY E 133 -10.48 -8.51 3.22
CA GLY E 133 -11.06 -7.63 2.24
C GLY E 133 -10.88 -8.18 0.83
N GLN E 134 -9.69 -8.70 0.57
CA GLN E 134 -9.37 -9.27 -0.74
C GLN E 134 -10.27 -10.45 -1.01
N LEU E 135 -10.64 -11.15 0.06
CA LEU E 135 -11.49 -12.33 -0.05
C LEU E 135 -12.91 -11.92 -0.43
N LEU E 136 -13.25 -10.69 -0.10
CA LEU E 136 -14.56 -10.14 -0.41
C LEU E 136 -14.56 -9.68 -1.86
N GLN E 137 -13.56 -8.88 -2.19
CA GLN E 137 -13.39 -8.35 -3.53
C GLN E 137 -13.56 -9.51 -4.49
N PHE E 138 -12.88 -10.60 -4.19
CA PHE E 138 -12.95 -11.79 -5.01
C PHE E 138 -14.34 -12.43 -4.97
N GLU E 139 -15.00 -12.30 -3.84
CA GLU E 139 -16.32 -12.90 -3.66
C GLU E 139 -17.31 -12.43 -4.73
N SER E 140 -17.47 -11.11 -4.82
CA SER E 140 -18.38 -10.51 -5.79
C SER E 140 -18.17 -11.15 -7.15
N GLN E 141 -16.91 -11.12 -7.57
CA GLN E 141 -16.50 -11.66 -8.85
C GLN E 141 -16.92 -13.10 -9.07
N VAL E 142 -16.72 -13.95 -8.08
CA VAL E 142 -17.09 -15.36 -8.21
C VAL E 142 -18.57 -15.56 -8.42
N LEU E 143 -19.37 -14.71 -7.79
CA LEU E 143 -20.83 -14.81 -7.89
C LEU E 143 -21.37 -14.32 -9.24
N ALA E 144 -20.68 -13.34 -9.80
CA ALA E 144 -21.04 -12.74 -11.09
C ALA E 144 -21.13 -13.82 -12.18
N MET F 1 13.91 -30.37 24.83
CA MET F 1 12.94 -29.93 23.78
C MET F 1 11.97 -28.85 24.27
N GLY F 2 10.70 -29.01 23.88
CA GLY F 2 9.67 -28.06 24.25
C GLY F 2 9.41 -27.04 23.15
N GLY F 3 10.47 -26.71 22.42
CA GLY F 3 10.37 -25.74 21.35
C GLY F 3 11.29 -24.57 21.63
N PRO F 4 11.80 -23.90 20.58
CA PRO F 4 12.69 -22.75 20.77
C PRO F 4 11.92 -21.52 21.23
N VAL F 5 12.54 -20.72 22.08
CA VAL F 5 11.91 -19.52 22.60
C VAL F 5 12.20 -18.33 21.70
N GLU F 6 11.20 -17.51 21.47
CA GLU F 6 11.40 -16.32 20.65
C GLU F 6 11.95 -15.17 21.47
N ILE F 7 13.25 -14.93 21.38
CA ILE F 7 13.84 -13.82 22.12
C ILE F 7 13.38 -12.53 21.43
N LEU F 8 13.70 -12.45 20.14
CA LEU F 8 13.31 -11.33 19.31
C LEU F 8 12.54 -11.89 18.14
N PRO F 9 11.68 -11.09 17.52
CA PRO F 9 10.88 -11.54 16.38
C PRO F 9 11.69 -12.30 15.34
N PHE F 10 12.98 -11.95 15.24
CA PHE F 10 13.89 -12.57 14.30
C PHE F 10 14.99 -13.34 15.05
N LEU F 11 14.88 -13.40 16.37
CA LEU F 11 15.88 -14.09 17.16
C LEU F 11 15.27 -15.11 18.11
N TYR F 12 15.64 -16.37 17.92
CA TYR F 12 15.13 -17.46 18.77
C TYR F 12 16.27 -18.19 19.42
N LEU F 13 16.00 -18.76 20.58
CA LEU F 13 16.98 -19.50 21.33
C LEU F 13 16.51 -20.94 21.53
N GLY F 14 17.40 -21.90 21.33
CA GLY F 14 16.97 -23.28 21.48
C GLY F 14 18.05 -24.33 21.71
N SER F 15 17.62 -25.59 21.65
CA SER F 15 18.49 -26.76 21.85
C SER F 15 18.99 -27.33 20.50
N ALA F 16 20.00 -28.19 20.55
CA ALA F 16 20.51 -28.80 19.34
C ALA F 16 19.46 -29.79 18.88
N TYR F 17 18.62 -30.20 19.82
CA TYR F 17 17.53 -31.13 19.57
C TYR F 17 16.59 -30.47 18.57
N HIS F 18 16.36 -29.18 18.80
CA HIS F 18 15.46 -28.40 17.97
C HIS F 18 16.02 -28.25 16.58
N ALA F 19 17.33 -28.02 16.51
CA ALA F 19 18.02 -27.86 15.26
C ALA F 19 17.81 -29.06 14.35
N ALA F 20 17.54 -30.22 14.93
CA ALA F 20 17.34 -31.43 14.14
C ALA F 20 15.87 -31.64 13.76
N ARG F 21 15.03 -30.69 14.13
CA ARG F 21 13.60 -30.80 13.87
C ARG F 21 13.07 -29.85 12.82
N ARG F 22 12.90 -30.35 11.61
CA ARG F 22 12.38 -29.51 10.53
C ARG F 22 11.00 -29.00 10.84
N ASP F 23 10.12 -29.91 11.27
CA ASP F 23 8.75 -29.54 11.61
C ASP F 23 8.75 -28.35 12.57
N MET F 24 9.59 -28.43 13.59
CA MET F 24 9.69 -27.38 14.59
C MET F 24 10.22 -26.11 13.95
N LEU F 25 11.26 -26.26 13.15
CA LEU F 25 11.88 -25.11 12.48
C LEU F 25 10.92 -24.34 11.57
N ASP F 26 10.20 -25.06 10.73
CA ASP F 26 9.27 -24.44 9.79
C ASP F 26 8.03 -23.91 10.44
N ALA F 27 7.62 -24.55 11.53
CA ALA F 27 6.43 -24.13 12.28
C ALA F 27 6.68 -22.72 12.87
N LEU F 28 7.95 -22.44 13.17
CA LEU F 28 8.35 -21.15 13.70
C LEU F 28 8.86 -20.26 12.59
N GLY F 29 8.97 -20.83 11.40
CA GLY F 29 9.45 -20.04 10.29
C GLY F 29 10.91 -19.64 10.43
N ILE F 30 11.72 -20.51 11.02
CA ILE F 30 13.14 -20.21 11.14
C ILE F 30 13.74 -20.35 9.75
N THR F 31 14.58 -19.41 9.36
CA THR F 31 15.19 -19.47 8.03
C THR F 31 16.67 -19.76 8.14
N ALA F 32 17.28 -19.30 9.23
CA ALA F 32 18.71 -19.50 9.45
C ALA F 32 18.93 -20.11 10.81
N LEU F 33 20.10 -20.69 11.00
CA LEU F 33 20.49 -21.31 12.26
C LEU F 33 21.91 -20.95 12.58
N LEU F 34 22.15 -20.63 13.84
CA LEU F 34 23.50 -20.30 14.28
C LEU F 34 23.95 -21.39 15.26
N ASN F 35 24.69 -22.36 14.76
CA ASN F 35 25.18 -23.48 15.56
C ASN F 35 26.29 -23.06 16.49
N VAL F 36 25.97 -22.75 17.75
CA VAL F 36 26.98 -22.31 18.71
C VAL F 36 27.64 -23.44 19.47
N SER F 37 27.82 -24.57 18.79
CA SER F 37 28.49 -25.71 19.38
C SER F 37 29.62 -25.99 18.41
N SER F 38 30.37 -27.05 18.64
CA SER F 38 31.49 -27.34 17.75
C SER F 38 31.34 -28.56 16.86
N ASP F 39 30.39 -29.44 17.17
CA ASP F 39 30.22 -30.64 16.36
C ASP F 39 28.79 -31.00 15.95
N CYS F 40 27.81 -30.21 16.38
CA CYS F 40 26.44 -30.52 16.00
C CYS F 40 26.36 -30.36 14.48
N PRO F 41 25.90 -31.42 13.77
CA PRO F 41 25.79 -31.37 12.32
C PRO F 41 24.76 -30.36 11.81
N ASN F 42 24.81 -30.09 10.52
CA ASN F 42 23.88 -29.19 9.88
C ASN F 42 23.27 -30.09 8.84
N HIS F 43 22.35 -30.90 9.30
CA HIS F 43 21.67 -31.89 8.48
C HIS F 43 21.00 -31.38 7.22
N PHE F 44 20.29 -30.27 7.34
CA PHE F 44 19.54 -29.73 6.22
C PHE F 44 20.22 -28.58 5.52
N GLU F 45 21.51 -28.77 5.27
CA GLU F 45 22.37 -27.81 4.61
C GLU F 45 21.71 -27.14 3.44
N GLY F 46 20.91 -27.90 2.71
CA GLY F 46 20.25 -27.36 1.54
C GLY F 46 19.07 -26.41 1.76
N HIS F 47 18.32 -26.56 2.86
CA HIS F 47 17.16 -25.69 3.06
C HIS F 47 17.25 -24.57 4.05
N TYR F 48 18.22 -24.60 4.96
CA TYR F 48 18.33 -23.51 5.92
C TYR F 48 19.72 -22.92 5.89
N GLN F 49 19.81 -21.63 6.19
CA GLN F 49 21.10 -20.94 6.21
C GLN F 49 21.76 -21.31 7.51
N TYR F 50 22.98 -21.78 7.45
CA TYR F 50 23.72 -22.19 8.63
C TYR F 50 25.01 -21.37 8.83
N LYS F 51 25.32 -21.08 10.09
CA LYS F 51 26.52 -20.36 10.42
C LYS F 51 27.06 -21.05 11.64
N CYS F 52 28.32 -21.41 11.62
CA CYS F 52 28.86 -22.12 12.76
C CYS F 52 29.81 -21.27 13.59
N ILE F 53 29.76 -21.50 14.90
CA ILE F 53 30.61 -20.80 15.88
C ILE F 53 31.12 -21.87 16.85
N PRO F 54 32.14 -22.63 16.41
CA PRO F 54 32.82 -23.72 17.09
C PRO F 54 33.33 -23.43 18.50
N VAL F 55 32.46 -23.58 19.49
CA VAL F 55 32.86 -23.32 20.87
C VAL F 55 32.50 -24.50 21.77
N GLU F 56 33.18 -24.57 22.92
CA GLU F 56 32.95 -25.63 23.90
C GLU F 56 32.32 -24.97 25.12
N ASP F 57 31.55 -25.73 25.89
CA ASP F 57 30.98 -25.13 27.10
C ASP F 57 32.10 -25.28 28.14
N ASN F 58 33.14 -24.49 27.93
CA ASN F 58 34.32 -24.47 28.78
C ASN F 58 34.53 -23.13 29.45
N HIS F 59 35.63 -23.07 30.18
CA HIS F 59 36.11 -21.89 30.87
C HIS F 59 37.28 -21.57 29.95
N LYS F 60 37.70 -22.63 29.24
CA LYS F 60 38.80 -22.60 28.27
C LYS F 60 38.23 -22.27 26.91
N ALA F 61 37.06 -21.64 26.87
CA ALA F 61 36.45 -21.28 25.59
C ALA F 61 36.41 -19.78 25.47
N ASP F 62 36.94 -19.25 24.36
CA ASP F 62 36.94 -17.81 24.13
C ASP F 62 35.78 -17.46 23.22
N ILE F 63 34.57 -17.60 23.75
CA ILE F 63 33.37 -17.33 22.98
C ILE F 63 33.23 -15.82 22.62
N SER F 64 33.89 -14.97 23.40
CA SER F 64 33.83 -13.54 23.18
C SER F 64 34.31 -13.13 21.79
N SER F 65 35.40 -13.73 21.33
CA SER F 65 35.93 -13.41 20.02
C SER F 65 34.84 -13.37 18.93
N TRP F 66 34.01 -14.41 18.89
CA TRP F 66 32.96 -14.53 17.88
C TRP F 66 31.77 -13.60 18.06
N PHE F 67 31.66 -12.95 19.22
CA PHE F 67 30.52 -12.07 19.45
C PHE F 67 30.20 -11.24 18.23
N MET F 68 31.21 -10.56 17.68
CA MET F 68 30.99 -9.70 16.52
C MET F 68 30.52 -10.44 15.28
N GLU F 69 31.20 -11.52 14.96
CA GLU F 69 30.84 -12.32 13.80
C GLU F 69 29.39 -12.80 13.92
N ALA F 70 29.05 -13.28 15.12
CA ALA F 70 27.73 -13.77 15.42
C ALA F 70 26.68 -12.66 15.30
N ILE F 71 26.92 -11.55 15.98
CA ILE F 71 26.02 -10.41 15.95
C ILE F 71 25.76 -10.04 14.49
N GLU F 72 26.83 -9.98 13.71
CA GLU F 72 26.73 -9.68 12.29
C GLU F 72 25.75 -10.64 11.65
N TYR F 73 26.09 -11.92 11.68
CA TYR F 73 25.26 -12.95 11.11
C TYR F 73 23.80 -12.72 11.48
N ILE F 74 23.54 -12.54 12.78
CA ILE F 74 22.19 -12.34 13.26
C ILE F 74 21.58 -11.10 12.61
N ASP F 75 22.32 -10.00 12.61
CA ASP F 75 21.81 -8.77 11.98
C ASP F 75 21.51 -9.06 10.51
N ALA F 76 22.37 -9.86 9.89
CA ALA F 76 22.22 -10.24 8.51
C ALA F 76 20.85 -10.84 8.25
N VAL F 77 20.58 -11.95 8.94
CA VAL F 77 19.30 -12.66 8.81
C VAL F 77 18.13 -11.76 9.21
N LYS F 78 18.42 -10.81 10.09
CA LYS F 78 17.44 -9.84 10.58
C LYS F 78 16.99 -8.96 9.42
N ASP F 79 17.96 -8.56 8.60
CA ASP F 79 17.70 -7.70 7.46
C ASP F 79 16.95 -8.41 6.33
N CYS F 80 17.13 -9.72 6.21
CA CYS F 80 16.43 -10.47 5.17
C CYS F 80 15.04 -10.75 5.69
N ARG F 81 14.74 -10.15 6.84
CA ARG F 81 13.45 -10.33 7.50
C ARG F 81 13.25 -11.82 7.80
N GLY F 82 14.33 -12.51 8.14
CA GLY F 82 14.25 -13.93 8.43
C GLY F 82 14.11 -14.21 9.92
N ARG F 83 14.57 -15.40 10.34
CA ARG F 83 14.52 -15.81 11.73
C ARG F 83 15.66 -16.78 12.04
N VAL F 84 16.55 -16.39 12.94
CA VAL F 84 17.66 -17.24 13.28
C VAL F 84 17.38 -18.03 14.55
N LEU F 85 17.95 -19.21 14.61
CA LEU F 85 17.81 -20.06 15.77
C LEU F 85 19.20 -20.20 16.32
N VAL F 86 19.55 -19.39 17.30
CA VAL F 86 20.86 -19.53 17.90
C VAL F 86 20.69 -20.77 18.80
N HIS F 87 21.62 -21.71 18.74
CA HIS F 87 21.49 -22.91 19.56
C HIS F 87 22.76 -23.67 19.87
N SER F 88 22.76 -24.34 21.00
CA SER F 88 23.89 -25.15 21.44
C SER F 88 23.29 -26.44 21.99
N GLN F 89 24.13 -27.43 22.24
CA GLN F 89 23.67 -28.73 22.73
C GLN F 89 22.42 -28.70 23.58
N ALA F 90 22.51 -28.09 24.75
CA ALA F 90 21.35 -28.03 25.65
C ALA F 90 20.59 -26.69 25.60
N GLY F 91 21.22 -25.67 25.03
CA GLY F 91 20.59 -24.36 24.97
C GLY F 91 20.55 -23.73 26.36
N ILE F 92 21.65 -23.85 27.08
CA ILE F 92 21.70 -23.29 28.42
C ILE F 92 22.83 -22.28 28.55
N SER F 93 24.02 -22.68 28.14
CA SER F 93 25.16 -21.79 28.25
C SER F 93 25.52 -21.04 26.97
N ARG F 94 26.21 -21.72 26.07
CA ARG F 94 26.65 -21.15 24.80
C ARG F 94 25.65 -20.30 24.00
N SER F 95 24.61 -20.94 23.45
CA SER F 95 23.62 -20.21 22.66
C SER F 95 23.01 -19.00 23.39
N ALA F 96 23.04 -19.05 24.72
CA ALA F 96 22.51 -17.98 25.56
C ALA F 96 23.50 -16.83 25.61
N THR F 97 24.75 -17.15 25.97
CA THR F 97 25.82 -16.15 26.06
C THR F 97 25.71 -15.24 24.84
N ILE F 98 25.64 -15.87 23.68
CA ILE F 98 25.56 -15.15 22.44
C ILE F 98 24.31 -14.29 22.26
N CYS F 99 23.15 -14.81 22.62
CA CYS F 99 21.93 -14.01 22.50
C CYS F 99 22.07 -12.79 23.41
N LEU F 100 22.77 -12.98 24.53
CA LEU F 100 22.98 -11.90 25.49
C LEU F 100 23.88 -10.83 24.89
N ALA F 101 25.05 -11.27 24.43
CA ALA F 101 26.01 -10.38 23.80
C ALA F 101 25.31 -9.52 22.74
N TYR F 102 24.50 -10.17 21.90
CA TYR F 102 23.76 -9.51 20.82
C TYR F 102 22.82 -8.45 21.36
N LEU F 103 22.06 -8.80 22.40
CA LEU F 103 21.10 -7.90 23.03
C LEU F 103 21.80 -6.71 23.67
N MET F 104 22.86 -7.01 24.42
CA MET F 104 23.62 -5.97 25.07
C MET F 104 24.03 -4.95 24.01
N MET F 105 24.61 -5.46 22.93
CA MET F 105 25.08 -4.64 21.80
C MET F 105 23.96 -3.88 21.11
N LYS F 106 23.18 -4.61 20.33
CA LYS F 106 22.08 -4.03 19.57
C LYS F 106 21.16 -3.09 20.35
N LYS F 107 20.67 -3.55 21.49
CA LYS F 107 19.77 -2.74 22.29
C LYS F 107 20.45 -1.99 23.42
N ARG F 108 21.76 -2.15 23.55
CA ARG F 108 22.55 -1.49 24.59
C ARG F 108 21.93 -1.61 25.99
N VAL F 109 22.31 -2.67 26.71
CA VAL F 109 21.77 -2.89 28.06
C VAL F 109 22.77 -3.63 28.95
N ARG F 110 22.49 -3.60 30.25
CA ARG F 110 23.36 -4.26 31.21
C ARG F 110 23.22 -5.77 31.09
N LEU F 111 24.34 -6.47 31.22
CA LEU F 111 24.34 -7.93 31.16
C LEU F 111 23.21 -8.38 32.06
N GLU F 112 23.04 -7.62 33.14
CA GLU F 112 22.02 -7.87 34.15
C GLU F 112 20.63 -7.85 33.53
N GLU F 113 20.26 -6.69 33.03
CA GLU F 113 18.97 -6.51 32.40
C GLU F 113 18.69 -7.57 31.34
N ALA F 114 19.65 -7.76 30.43
CA ALA F 114 19.50 -8.75 29.36
C ALA F 114 19.24 -10.13 29.97
N PHE F 115 20.20 -10.58 30.78
CA PHE F 115 20.11 -11.87 31.45
C PHE F 115 18.69 -12.10 31.91
N GLU F 116 18.08 -11.07 32.48
CA GLU F 116 16.71 -11.21 32.94
C GLU F 116 15.77 -11.37 31.78
N PHE F 117 15.74 -10.36 30.93
CA PHE F 117 14.87 -10.38 29.76
C PHE F 117 14.79 -11.75 29.12
N VAL F 118 15.90 -12.48 29.20
CA VAL F 118 15.98 -13.80 28.61
C VAL F 118 15.58 -14.93 29.59
N LYS F 119 15.89 -14.78 30.88
CA LYS F 119 15.52 -15.78 31.86
C LYS F 119 14.03 -15.98 31.80
N GLN F 120 13.32 -14.90 31.52
CA GLN F 120 11.87 -14.93 31.42
C GLN F 120 11.41 -15.70 30.20
N ARG F 121 12.28 -15.80 29.20
CA ARG F 121 11.95 -16.52 27.97
C ARG F 121 12.28 -18.01 28.13
N ARG F 122 13.53 -18.30 28.51
CA ARG F 122 13.95 -19.67 28.69
C ARG F 122 14.65 -19.75 30.05
N SER F 123 13.83 -19.90 31.07
CA SER F 123 14.28 -19.99 32.45
C SER F 123 15.50 -20.87 32.72
N ILE F 124 15.82 -21.74 31.77
CA ILE F 124 16.94 -22.67 31.89
C ILE F 124 18.34 -22.04 31.70
N ILE F 125 18.36 -20.84 31.12
CA ILE F 125 19.59 -20.09 30.85
C ILE F 125 20.65 -20.20 31.93
N SER F 126 21.90 -20.36 31.53
CA SER F 126 22.95 -20.45 32.52
C SER F 126 24.36 -20.46 31.93
N PRO F 127 24.84 -19.30 31.46
CA PRO F 127 26.17 -19.21 30.88
C PRO F 127 27.20 -19.57 31.96
N ASN F 128 28.04 -20.55 31.68
CA ASN F 128 29.06 -20.93 32.66
C ASN F 128 29.86 -19.68 33.02
N PHE F 129 30.34 -19.61 34.26
CA PHE F 129 31.11 -18.48 34.79
C PHE F 129 32.09 -17.82 33.83
N SER F 130 32.94 -18.62 33.21
CA SER F 130 33.91 -18.09 32.25
C SER F 130 33.19 -17.14 31.29
N PHE F 131 32.19 -17.66 30.59
CA PHE F 131 31.42 -16.87 29.64
C PHE F 131 30.82 -15.65 30.32
N MET F 132 30.41 -15.85 31.56
CA MET F 132 29.82 -14.76 32.32
C MET F 132 30.81 -13.59 32.41
N GLY F 133 32.07 -13.89 32.77
CA GLY F 133 33.08 -12.86 32.86
C GLY F 133 33.31 -12.20 31.51
N GLN F 134 33.42 -13.02 30.47
CA GLN F 134 33.63 -12.54 29.10
C GLN F 134 32.45 -11.69 28.64
N LEU F 135 31.27 -12.00 29.16
CA LEU F 135 30.06 -11.25 28.82
C LEU F 135 30.11 -9.88 29.45
N LEU F 136 30.87 -9.77 30.54
CA LEU F 136 31.03 -8.51 31.26
C LEU F 136 32.09 -7.67 30.53
N GLN F 137 33.23 -8.29 30.31
CA GLN F 137 34.34 -7.64 29.62
C GLN F 137 33.77 -6.97 28.39
N PHE F 138 32.95 -7.72 27.66
CA PHE F 138 32.32 -7.22 26.44
C PHE F 138 31.32 -6.11 26.74
N GLU F 139 30.67 -6.21 27.90
CA GLU F 139 29.66 -5.23 28.29
C GLU F 139 30.19 -3.80 28.31
N SER F 140 31.28 -3.60 29.06
CA SER F 140 31.93 -2.30 29.17
C SER F 140 32.11 -1.70 27.78
N GLN F 141 32.73 -2.50 26.92
CA GLN F 141 33.01 -2.13 25.56
C GLN F 141 31.79 -1.66 24.78
N VAL F 142 30.69 -2.41 24.85
CA VAL F 142 29.46 -2.04 24.13
C VAL F 142 28.88 -0.70 24.58
N LEU F 143 29.02 -0.39 25.86
CA LEU F 143 28.50 0.85 26.42
C LEU F 143 29.36 2.07 26.03
N ALA F 144 30.67 1.85 25.89
CA ALA F 144 31.64 2.88 25.53
C ALA F 144 31.24 3.57 24.22
S SO4 G . -25.80 -5.78 16.31
O1 SO4 G . -25.39 -4.94 15.19
O2 SO4 G . -25.60 -5.04 17.56
O3 SO4 G . -27.23 -6.15 16.18
O4 SO4 G . -24.98 -7.00 16.33
S SO4 H . -41.06 5.60 32.89
O1 SO4 H . -42.51 5.40 32.83
O2 SO4 H . -40.57 6.07 31.58
O3 SO4 H . -40.74 6.60 33.92
O4 SO4 H . -40.40 4.33 33.22
S SO4 I . -6.53 12.31 -13.34
O1 SO4 I . -5.91 12.08 -14.66
O2 SO4 I . -5.54 12.93 -12.43
O3 SO4 I . -7.68 13.22 -13.50
O4 SO4 I . -7.00 11.03 -12.79
S SO4 J . -4.33 43.71 -11.49
O1 SO4 J . -3.25 43.84 -12.49
O2 SO4 J . -3.75 43.29 -10.20
O3 SO4 J . -5.02 45.00 -11.33
O4 SO4 J . -5.29 42.69 -11.93
S SO4 K . -24.83 28.90 -11.99
O1 SO4 K . -25.83 29.96 -12.22
O2 SO4 K . -24.14 28.62 -13.26
O3 SO4 K . -23.85 29.36 -10.99
O4 SO4 K . -25.51 27.68 -11.50
S SO4 L . 11.42 -6.78 -26.23
O1 SO4 L . 12.08 -5.60 -26.78
O2 SO4 L . 10.94 -6.49 -24.87
O3 SO4 L . 10.28 -7.17 -27.10
O4 SO4 L . 12.38 -7.91 -26.18
S SO4 M . 31.54 -13.39 -39.25
O1 SO4 M . 30.46 -14.40 -39.33
O2 SO4 M . 31.02 -12.10 -39.71
O3 SO4 M . 32.00 -13.27 -37.86
O4 SO4 M . 32.66 -13.81 -40.10
S SO4 N . -0.14 -18.04 8.77
O1 SO4 N . 1.07 -17.26 9.02
O2 SO4 N . -0.61 -17.83 7.38
O3 SO4 N . 0.16 -19.46 8.96
O4 SO4 N . -1.20 -17.63 9.70
S SO4 O . 24.98 -25.96 26.20
O1 SO4 O . 25.86 -27.09 26.55
O2 SO4 O . 25.79 -24.73 26.03
O3 SO4 O . 24.29 -26.26 24.94
O4 SO4 O . 23.99 -25.75 27.26
#